data_3QWU
#
_entry.id   3QWU
#
_cell.length_a   91.366
_cell.length_b   99.165
_cell.length_c   103.278
_cell.angle_alpha   90.00
_cell.angle_beta   90.00
_cell.angle_gamma   90.00
#
_symmetry.space_group_name_H-M   'P 21 21 21'
#
loop_
_entity.id
_entity.type
_entity.pdbx_description
1 polymer 'DNA ligase'
2 non-polymer ADENOSINE
3 non-polymer 'CALCIUM ION'
4 non-polymer GLYCEROL
5 water water
#
_entity_poly.entity_id   1
_entity_poly.type   'polypeptide(L)'
_entity_poly.pdbx_seq_one_letter_code
;SNAMISPELVKEALKKKKVRSEEAFGLEYLRFNDDYKDIPRGTAIFKDFIIWGYPHIGRIFLLETGLREQFEAPFWVEEK
VDGYNTRIFKYGDNYYALSRGGFICPFTTDRLPDLIDLRILDENPDLVICAEVAGPENPYIEESPPYVKEDVQLFVFDFM
KKNEQGFLSQEEKMELIEKYNLPHVEILGRFTASEEGIKKIKEILKRFNEEGREGVVFKEDSERNKRAKYITSYANLMDI
KTNAKNMLQLPPEYYTNRILRLVLFMYEEGLKTTEHLYEELGRAFIDGLFQAIEQFEKEHKVYKTFTCKFRKKENAIALL
ELLSKTSKHIQVKERRLEKEGDYWRLEFDKVFLNMTGLLGHLLSGGIVYD
;
_entity_poly.pdbx_strand_id   A,B
#
loop_
_chem_comp.id
_chem_comp.type
_chem_comp.name
_chem_comp.formula
ADN non-polymer ADENOSINE 'C10 H13 N5 O4'
CA non-polymer 'CALCIUM ION' 'Ca 2'
GOL non-polymer GLYCEROL 'C3 H8 O3'
#
# COMPACT_ATOMS: atom_id res chain seq x y z
N ILE A 5 32.90 13.71 3.59
CA ILE A 5 33.18 14.03 2.15
C ILE A 5 34.68 14.01 1.73
N SER A 6 34.99 13.23 0.69
CA SER A 6 36.36 13.04 0.21
C SER A 6 36.38 12.30 -1.16
N PRO A 7 37.55 12.15 -1.77
CA PRO A 7 37.65 11.50 -3.10
C PRO A 7 37.23 10.03 -3.26
N GLU A 8 37.41 9.17 -2.26
CA GLU A 8 37.11 7.73 -2.45
C GLU A 8 35.73 7.38 -1.98
N LEU A 9 35.11 8.29 -1.22
CA LEU A 9 33.70 8.17 -0.94
C LEU A 9 32.95 8.42 -2.25
N VAL A 10 33.35 9.47 -2.98
CA VAL A 10 32.75 9.80 -4.28
C VAL A 10 33.04 8.73 -5.34
N LYS A 11 34.27 8.21 -5.35
CA LYS A 11 34.65 7.13 -6.26
C LYS A 11 33.77 5.88 -6.09
N GLU A 12 33.47 5.50 -4.84
CA GLU A 12 32.67 4.30 -4.57
C GLU A 12 31.22 4.53 -4.96
N ALA A 13 30.72 5.74 -4.74
CA ALA A 13 29.33 6.05 -5.09
C ALA A 13 29.13 6.23 -6.60
N LEU A 14 30.18 6.60 -7.34
CA LEU A 14 30.11 6.57 -8.81
C LEU A 14 30.00 5.11 -9.27
N LYS A 15 30.76 4.23 -8.63
CA LYS A 15 30.70 2.79 -8.90
C LYS A 15 29.39 2.16 -8.41
N LYS A 16 28.95 2.54 -7.21
CA LYS A 16 27.69 2.01 -6.67
C LYS A 16 26.45 2.75 -7.26
N LYS A 17 26.67 3.76 -8.11
CA LYS A 17 25.57 4.54 -8.76
C LYS A 17 24.63 5.36 -7.82
N LYS A 18 25.24 5.89 -6.75
CA LYS A 18 24.59 6.84 -5.86
C LYS A 18 24.86 8.29 -6.32
N VAL A 19 26.02 8.50 -6.96
CA VAL A 19 26.36 9.80 -7.55
C VAL A 19 26.42 9.69 -9.07
N ARG A 20 26.05 10.77 -9.78
CA ARG A 20 26.12 10.87 -11.24
C ARG A 20 26.53 12.28 -11.65
N SER A 21 27.31 12.40 -12.73
CA SER A 21 27.66 13.70 -13.27
C SER A 21 26.52 14.17 -14.12
N GLU A 22 26.20 15.43 -13.99
CA GLU A 22 25.16 16.04 -14.79
C GLU A 22 25.83 17.19 -15.45
N GLU A 23 25.23 17.68 -16.53
CA GLU A 23 25.63 18.97 -17.11
C GLU A 23 24.36 19.76 -17.42
N ALA A 24 24.36 21.02 -17.05
CA ALA A 24 23.19 21.85 -17.23
C ALA A 24 23.54 23.34 -17.06
N PHE A 25 23.01 24.17 -17.94
CA PHE A 25 23.27 25.60 -17.93
C PHE A 25 24.74 25.96 -18.03
N GLY A 26 25.53 25.09 -18.65
CA GLY A 26 26.97 25.32 -18.81
C GLY A 26 27.81 24.81 -17.65
N LEU A 27 27.18 24.16 -16.68
CA LEU A 27 27.86 23.72 -15.49
C LEU A 27 27.91 22.23 -15.54
N GLU A 28 29.07 21.68 -15.15
CA GLU A 28 29.28 20.25 -15.06
C GLU A 28 29.43 19.96 -13.58
N TYR A 29 28.68 18.99 -13.06
CA TYR A 29 28.67 18.76 -11.62
C TYR A 29 28.39 17.31 -11.28
N LEU A 30 28.64 16.93 -10.02
CA LEU A 30 28.31 15.60 -9.51
C LEU A 30 27.09 15.74 -8.61
N ARG A 31 26.15 14.80 -8.74
CA ARG A 31 24.87 14.88 -8.03
C ARG A 31 24.57 13.61 -7.25
N PHE A 32 24.29 13.75 -5.97
CA PHE A 32 23.91 12.61 -5.13
C PHE A 32 22.47 12.21 -5.38
N ASN A 33 22.29 11.08 -6.05
CA ASN A 33 20.97 10.63 -6.46
C ASN A 33 20.20 10.01 -5.30
N ASP A 34 20.95 9.39 -4.38
CA ASP A 34 20.40 8.85 -3.14
C ASP A 34 21.28 9.22 -1.98
N ASP A 35 20.76 9.00 -0.77
CA ASP A 35 21.58 9.02 0.44
C ASP A 35 22.70 8.03 0.26
N TYR A 36 23.87 8.40 0.75
CA TYR A 36 25.02 7.51 0.77
C TYR A 36 25.94 7.89 1.93
N LYS A 37 26.10 6.97 2.88
CA LYS A 37 27.03 7.13 4.00
C LYS A 37 26.89 8.53 4.62
N ASP A 38 25.65 8.87 5.00
CA ASP A 38 25.29 10.14 5.69
C ASP A 38 25.30 11.40 4.81
N ILE A 39 25.78 11.32 3.56
CA ILE A 39 25.66 12.43 2.60
C ILE A 39 24.24 12.47 2.10
N PRO A 40 23.49 13.49 2.49
CA PRO A 40 22.10 13.49 2.02
C PRO A 40 21.98 13.62 0.49
N ARG A 41 21.04 12.86 -0.08
CA ARG A 41 20.52 13.03 -1.45
C ARG A 41 20.31 14.49 -1.83
N GLY A 42 20.66 14.86 -3.04
CA GLY A 42 20.51 16.24 -3.49
C GLY A 42 21.79 17.01 -3.39
N THR A 43 22.77 16.44 -2.72
CA THR A 43 24.07 17.05 -2.58
C THR A 43 24.68 17.15 -3.97
N ALA A 44 25.21 18.33 -4.26
CA ALA A 44 25.69 18.71 -5.59
C ALA A 44 27.08 19.18 -5.38
N ILE A 45 28.04 18.55 -6.06
CA ILE A 45 29.45 18.91 -5.96
C ILE A 45 29.83 19.68 -7.23
N PHE A 46 30.15 20.97 -7.05
CA PHE A 46 30.65 21.79 -8.13
C PHE A 46 32.14 21.97 -7.95
N LYS A 47 32.83 22.40 -8.99
CA LYS A 47 34.29 22.50 -8.90
C LYS A 47 34.72 23.45 -7.77
N ASP A 48 33.99 24.55 -7.58
CA ASP A 48 34.39 25.62 -6.65
C ASP A 48 33.74 25.49 -5.28
N PHE A 49 32.68 24.67 -5.18
CA PHE A 49 31.99 24.46 -3.91
C PHE A 49 30.99 23.31 -3.91
N ILE A 50 30.64 22.86 -2.71
CA ILE A 50 29.58 21.91 -2.50
C ILE A 50 28.28 22.59 -1.97
N ILE A 51 27.16 22.19 -2.55
CA ILE A 51 25.86 22.63 -2.09
C ILE A 51 25.30 21.40 -1.47
N TRP A 52 25.25 21.39 -0.14
CA TRP A 52 24.77 20.21 0.57
C TRP A 52 23.28 20.09 0.33
N GLY A 53 22.85 18.84 0.25
CA GLY A 53 21.45 18.46 0.12
C GLY A 53 20.65 18.91 1.33
N TYR A 54 19.36 19.17 1.13
CA TYR A 54 18.49 19.57 2.26
C TYR A 54 18.20 18.30 2.99
N PRO A 55 18.45 18.27 4.29
CA PRO A 55 18.37 17.05 5.09
C PRO A 55 16.91 16.69 5.46
N HIS A 56 16.68 15.40 5.73
CA HIS A 56 15.35 14.85 5.98
C HIS A 56 14.80 15.40 7.29
N ILE A 57 13.57 15.90 7.28
CA ILE A 57 12.90 16.24 8.55
C ILE A 57 11.98 15.09 9.00
N GLY A 58 12.15 14.60 10.21
CA GLY A 58 11.23 13.61 10.75
C GLY A 58 9.84 14.17 11.05
N ARG A 59 8.90 13.25 11.15
CA ARG A 59 7.51 13.51 11.32
C ARG A 59 7.15 12.98 12.69
N ILE A 60 6.50 13.80 13.52
CA ILE A 60 5.80 13.27 14.69
C ILE A 60 4.33 13.08 14.33
N PHE A 61 3.74 12.06 14.96
CA PHE A 61 2.33 11.68 14.72
C PHE A 61 1.45 12.11 15.88
N LEU A 62 2.05 12.33 17.05
CA LEU A 62 1.29 12.79 18.24
C LEU A 62 1.85 14.14 18.52
N LEU A 63 1.00 15.14 18.51
CA LEU A 63 1.51 16.51 18.62
C LEU A 63 2.05 16.70 20.05
N GLU A 64 1.26 16.39 21.05
CA GLU A 64 1.64 16.73 22.42
C GLU A 64 2.84 15.90 22.92
N THR A 65 2.71 14.58 22.82
CA THR A 65 3.78 13.68 23.24
C THR A 65 4.99 13.79 22.33
N GLY A 66 4.82 14.17 21.06
CA GLY A 66 5.96 14.32 20.17
C GLY A 66 6.81 15.53 20.55
N LEU A 67 6.14 16.65 20.77
CA LEU A 67 6.80 17.88 21.14
C LEU A 67 7.54 17.72 22.46
N ARG A 68 6.87 17.13 23.42
CA ARG A 68 7.43 16.78 24.70
C ARG A 68 8.63 15.81 24.59
N GLU A 69 8.58 14.88 23.65
CA GLU A 69 9.69 13.91 23.53
C GLU A 69 10.90 14.45 22.72
N GLN A 70 10.67 15.17 21.65
CA GLN A 70 11.74 15.46 20.72
C GLN A 70 12.61 16.67 21.07
N PHE A 71 12.10 17.58 21.90
CA PHE A 71 12.72 18.88 22.11
C PHE A 71 13.08 19.12 23.58
N GLU A 72 14.29 19.64 23.78
CA GLU A 72 14.87 19.92 25.08
C GLU A 72 14.97 21.41 25.37
N ALA A 73 14.73 22.22 24.36
CA ALA A 73 14.82 23.67 24.45
C ALA A 73 13.56 24.25 23.79
N PRO A 74 13.37 25.56 23.89
CA PRO A 74 12.30 26.19 23.14
C PRO A 74 12.47 26.00 21.66
N PHE A 75 11.37 26.18 20.93
CA PHE A 75 11.40 25.95 19.52
C PHE A 75 10.51 26.91 18.78
N TRP A 76 10.99 27.28 17.61
CA TRP A 76 10.24 28.12 16.70
C TRP A 76 9.28 27.25 15.85
N VAL A 77 8.08 27.76 15.63
CA VAL A 77 7.06 27.09 14.84
C VAL A 77 6.88 27.87 13.60
N GLU A 78 7.10 27.23 12.47
CA GLU A 78 6.99 27.82 11.14
C GLU A 78 5.94 27.09 10.29
N GLU A 79 5.31 27.78 9.34
CA GLU A 79 4.36 27.14 8.44
C GLU A 79 5.11 26.27 7.46
N LYS A 80 4.57 25.07 7.26
CA LYS A 80 5.05 24.16 6.25
C LYS A 80 4.19 24.40 4.98
N VAL A 81 4.84 24.92 3.96
CA VAL A 81 4.15 25.33 2.74
C VAL A 81 4.28 24.16 1.76
N ASP A 82 3.16 23.83 1.16
CA ASP A 82 3.07 22.68 0.28
C ASP A 82 3.40 23.10 -1.15
N GLY A 83 4.65 22.90 -1.52
CA GLY A 83 5.13 23.19 -2.87
C GLY A 83 6.29 22.25 -3.10
N TYR A 84 7.38 22.74 -3.69
CA TYR A 84 8.59 21.97 -3.82
C TYR A 84 9.81 22.74 -3.29
N ASN A 85 10.77 21.98 -2.84
CA ASN A 85 11.95 22.47 -2.20
C ASN A 85 12.93 23.01 -3.23
N THR A 86 13.53 24.15 -2.91
CA THR A 86 14.56 24.68 -3.74
C THR A 86 15.72 25.24 -2.95
N ARG A 87 16.89 25.10 -3.56
CA ARG A 87 18.14 25.57 -2.98
C ARG A 87 18.77 26.52 -4.02
N ILE A 88 18.99 27.76 -3.65
CA ILE A 88 19.34 28.78 -4.60
C ILE A 88 20.70 29.37 -4.23
N PHE A 89 21.57 29.52 -5.22
CA PHE A 89 22.92 30.03 -4.97
C PHE A 89 23.53 30.80 -6.14
N LYS A 90 24.62 31.51 -5.84
CA LYS A 90 25.37 32.28 -6.82
C LYS A 90 26.62 31.55 -7.31
N TYR A 91 26.83 31.50 -8.62
CA TYR A 91 28.05 30.94 -9.21
C TYR A 91 28.49 31.93 -10.28
N GLY A 92 29.68 32.51 -10.15
CA GLY A 92 30.11 33.53 -11.12
C GLY A 92 29.19 34.74 -11.01
N ASP A 93 28.63 35.21 -12.13
CA ASP A 93 27.60 36.29 -12.03
C ASP A 93 26.19 35.76 -12.36
N ASN A 94 25.96 34.49 -12.06
CA ASN A 94 24.69 33.82 -12.33
C ASN A 94 24.14 33.26 -11.08
N TYR A 95 22.86 32.98 -11.15
CA TYR A 95 22.12 32.44 -10.04
C TYR A 95 21.42 31.18 -10.52
N TYR A 96 21.34 30.18 -9.65
CA TYR A 96 20.79 28.88 -10.03
C TYR A 96 19.95 28.33 -8.90
N ALA A 97 19.06 27.43 -9.28
CA ALA A 97 18.10 26.84 -8.33
C ALA A 97 18.17 25.34 -8.49
N LEU A 98 18.37 24.64 -7.38
CA LEU A 98 18.43 23.19 -7.36
C LEU A 98 17.14 22.59 -6.81
N SER A 99 16.62 21.57 -7.49
CA SER A 99 15.57 20.66 -6.97
C SER A 99 16.08 19.83 -5.79
N ARG A 100 15.17 19.19 -5.09
CA ARG A 100 15.57 18.43 -3.93
C ARG A 100 16.53 17.37 -4.35
N GLY A 101 16.29 16.83 -5.56
CA GLY A 101 17.10 15.76 -6.11
C GLY A 101 18.49 16.22 -6.51
N GLY A 102 18.68 17.54 -6.64
CA GLY A 102 19.96 18.09 -6.99
C GLY A 102 20.12 18.41 -8.46
N PHE A 103 19.04 18.41 -9.23
CA PHE A 103 19.12 18.92 -10.58
C PHE A 103 19.02 20.45 -10.58
N ILE A 104 19.63 21.06 -11.58
CA ILE A 104 19.38 22.48 -11.81
C ILE A 104 18.04 22.57 -12.50
N CYS A 105 17.08 23.18 -11.79
CA CYS A 105 15.69 23.26 -12.25
C CYS A 105 15.59 24.35 -13.29
N PRO A 106 15.27 23.99 -14.52
CA PRO A 106 15.17 24.99 -15.59
C PRO A 106 14.02 25.98 -15.37
N PHE A 107 12.94 25.51 -14.75
CA PHE A 107 11.83 26.41 -14.50
C PHE A 107 12.16 27.37 -13.36
N THR A 108 12.52 26.83 -12.19
CA THR A 108 12.86 27.67 -11.02
C THR A 108 14.01 28.61 -11.35
N THR A 109 15.06 28.12 -11.99
CA THR A 109 16.18 29.00 -12.40
C THR A 109 15.77 30.11 -13.39
N ASP A 110 14.93 29.78 -14.38
CA ASP A 110 14.40 30.79 -15.32
C ASP A 110 13.61 31.88 -14.58
N ARG A 111 12.85 31.49 -13.61
CA ARG A 111 11.95 32.44 -12.97
C ARG A 111 12.48 33.14 -11.71
N LEU A 112 13.73 32.87 -11.29
CA LEU A 112 14.34 33.53 -10.12
C LEU A 112 14.10 35.05 -10.05
N PRO A 113 14.31 35.76 -11.17
CA PRO A 113 14.11 37.23 -11.11
C PRO A 113 12.68 37.70 -10.84
N ASP A 114 11.71 36.92 -11.23
CA ASP A 114 10.35 37.18 -10.81
C ASP A 114 10.03 36.70 -9.41
N LEU A 115 10.78 35.72 -8.90
CA LEU A 115 10.44 35.10 -7.63
C LEU A 115 11.07 35.78 -6.40
N ILE A 116 12.27 36.32 -6.56
CA ILE A 116 13.06 36.76 -5.42
C ILE A 116 14.21 37.63 -5.89
N ASP A 117 14.46 38.69 -5.13
CA ASP A 117 15.56 39.60 -5.36
C ASP A 117 16.84 38.99 -4.71
N LEU A 118 17.90 38.86 -5.49
CA LEU A 118 19.10 38.15 -5.11
C LEU A 118 20.35 39.01 -4.83
N ARG A 119 20.11 40.31 -4.56
CA ARG A 119 21.08 41.22 -3.89
C ARG A 119 21.75 40.55 -2.70
N ILE A 120 20.95 39.92 -1.85
CA ILE A 120 21.50 39.15 -0.70
C ILE A 120 22.67 38.19 -1.06
N LEU A 121 22.56 37.51 -2.18
CA LEU A 121 23.67 36.66 -2.64
C LEU A 121 24.82 37.53 -3.15
N ASP A 122 24.52 38.56 -3.92
CA ASP A 122 25.57 39.46 -4.37
C ASP A 122 26.41 39.93 -3.17
N GLU A 123 25.76 40.23 -2.06
CA GLU A 123 26.44 40.77 -0.88
C GLU A 123 26.94 39.68 0.05
N ASN A 124 26.42 38.47 -0.08
CA ASN A 124 26.79 37.36 0.75
C ASN A 124 26.85 36.12 -0.15
N PRO A 125 27.85 36.04 -1.05
CA PRO A 125 27.94 34.89 -2.03
C PRO A 125 28.14 33.46 -1.46
N ASP A 126 28.40 33.36 -0.16
CA ASP A 126 28.43 32.08 0.54
C ASP A 126 27.01 31.45 0.84
N LEU A 127 25.98 32.30 0.87
CA LEU A 127 24.65 31.83 1.25
C LEU A 127 23.98 30.91 0.19
N VAL A 128 23.29 29.90 0.71
CA VAL A 128 22.37 29.10 -0.08
C VAL A 128 20.99 29.33 0.50
N ILE A 129 20.05 29.74 -0.36
CA ILE A 129 18.72 30.09 0.14
C ILE A 129 17.88 28.86 0.01
N CYS A 130 17.28 28.43 1.11
CA CYS A 130 16.39 27.28 1.11
C CYS A 130 14.94 27.83 1.18
N ALA A 131 14.18 27.55 0.12
CA ALA A 131 12.83 28.06 -0.03
C ALA A 131 11.90 27.02 -0.67
N GLU A 132 10.62 27.17 -0.36
CA GLU A 132 9.55 26.43 -1.03
C GLU A 132 9.01 27.28 -2.16
N VAL A 133 8.94 26.70 -3.37
CA VAL A 133 8.20 27.30 -4.47
C VAL A 133 6.80 26.65 -4.56
N ALA A 134 5.76 27.48 -4.70
CA ALA A 134 4.40 27.01 -4.56
C ALA A 134 3.44 27.83 -5.37
N GLY A 135 2.37 27.18 -5.81
CA GLY A 135 1.37 27.85 -6.66
C GLY A 135 0.69 26.92 -7.66
N PRO A 136 -0.38 27.38 -8.26
CA PRO A 136 -1.13 26.45 -9.08
C PRO A 136 -0.49 26.22 -10.45
N GLU A 137 0.38 27.13 -10.88
CA GLU A 137 1.02 26.95 -12.16
C GLU A 137 2.52 26.60 -12.06
N ASN A 138 2.81 25.48 -11.41
CA ASN A 138 4.14 24.93 -11.35
C ASN A 138 4.15 23.54 -11.97
N PRO A 139 5.33 23.01 -12.33
CA PRO A 139 5.32 21.79 -13.11
C PRO A 139 5.54 20.57 -12.29
N TYR A 140 5.67 20.70 -10.99
CA TYR A 140 5.96 19.53 -10.15
C TYR A 140 4.77 18.96 -9.33
N ILE A 141 3.81 19.82 -8.99
CA ILE A 141 2.84 19.56 -7.96
C ILE A 141 1.52 20.20 -8.45
N GLU A 142 0.50 19.37 -8.58
CA GLU A 142 -0.83 19.79 -8.97
CA GLU A 142 -0.78 19.89 -9.05
C GLU A 142 -1.42 20.74 -7.94
N GLU A 143 -1.24 20.38 -6.66
CA GLU A 143 -1.78 21.16 -5.52
C GLU A 143 -1.14 22.53 -5.36
N SER A 144 -1.90 23.44 -4.78
CA SER A 144 -1.47 24.80 -4.46
C SER A 144 -1.86 25.12 -3.03
N PRO A 145 -1.07 25.96 -2.32
CA PRO A 145 -1.58 26.62 -1.15
C PRO A 145 -2.69 27.56 -1.59
N PRO A 146 -3.70 27.78 -0.73
CA PRO A 146 -4.81 28.62 -1.18
C PRO A 146 -4.46 30.08 -1.43
N TYR A 147 -3.41 30.59 -0.78
CA TYR A 147 -3.07 32.01 -0.88
C TYR A 147 -2.19 32.38 -2.10
N VAL A 148 -1.88 31.42 -2.95
CA VAL A 148 -1.19 31.72 -4.19
C VAL A 148 -2.25 31.41 -5.19
N LYS A 149 -2.80 32.45 -5.78
CA LYS A 149 -3.93 32.26 -6.68
C LYS A 149 -3.46 32.00 -8.11
N GLU A 150 -2.22 32.37 -8.43
CA GLU A 150 -1.69 32.14 -9.75
C GLU A 150 -0.18 32.15 -9.83
N ASP A 151 0.32 31.70 -10.97
CA ASP A 151 1.75 31.62 -11.22
C ASP A 151 2.37 30.83 -10.07
N VAL A 152 3.47 31.34 -9.51
CA VAL A 152 4.18 30.70 -8.40
C VAL A 152 4.82 31.80 -7.60
N GLN A 153 5.17 31.44 -6.36
CA GLN A 153 5.70 32.36 -5.36
C GLN A 153 6.69 31.52 -4.57
N LEU A 154 7.59 32.22 -3.91
CA LEU A 154 8.68 31.57 -3.27
C LEU A 154 8.69 32.03 -1.83
N PHE A 155 8.96 31.11 -0.92
CA PHE A 155 8.98 31.39 0.48
C PHE A 155 10.21 30.79 1.13
N VAL A 156 11.17 31.65 1.51
CA VAL A 156 12.34 31.25 2.26
C VAL A 156 11.98 30.67 3.65
N PHE A 157 12.60 29.55 4.00
CA PHE A 157 12.47 28.93 5.32
C PHE A 157 13.83 28.57 5.93
N ASP A 158 14.91 28.63 5.15
CA ASP A 158 16.23 28.35 5.73
C ASP A 158 17.37 29.00 4.91
N PHE A 159 18.53 29.14 5.55
CA PHE A 159 19.76 29.40 4.82
C PHE A 159 20.76 28.33 5.22
N MET A 160 21.48 27.86 4.22
CA MET A 160 22.60 27.01 4.42
C MET A 160 23.75 27.81 3.92
N LYS A 161 24.94 27.23 3.93
CA LYS A 161 26.15 27.86 3.46
C LYS A 161 26.89 26.90 2.54
N LYS A 162 27.52 27.41 1.49
CA LYS A 162 28.36 26.59 0.65
C LYS A 162 29.39 25.79 1.47
N ASN A 163 29.57 24.54 1.09
CA ASN A 163 30.59 23.68 1.73
C ASN A 163 30.27 23.29 3.19
N GLU A 164 29.01 23.44 3.64
CA GLU A 164 28.66 23.24 5.07
C GLU A 164 27.32 22.61 5.16
N GLN A 165 27.07 21.93 6.26
CA GLN A 165 25.89 21.08 6.38
C GLN A 165 24.78 21.65 7.21
N GLY A 166 25.06 22.60 8.09
CA GLY A 166 24.02 23.06 8.99
C GLY A 166 23.24 24.21 8.43
N PHE A 167 22.66 24.97 9.34
CA PHE A 167 21.71 25.96 9.06
C PHE A 167 22.04 27.24 9.84
N LEU A 168 21.82 28.39 9.24
CA LEU A 168 21.91 29.60 10.02
C LEU A 168 20.84 29.53 11.12
N SER A 169 21.13 30.10 12.27
CA SER A 169 20.22 30.09 13.37
C SER A 169 18.95 30.86 13.00
N GLN A 170 17.90 30.69 13.82
CA GLN A 170 16.69 31.45 13.62
C GLN A 170 16.91 32.95 13.61
N GLU A 171 17.65 33.46 14.61
CA GLU A 171 18.01 34.87 14.72
CA GLU A 171 17.91 34.88 14.69
C GLU A 171 18.66 35.36 13.44
N GLU A 172 19.73 34.66 13.03
CA GLU A 172 20.49 35.01 11.83
C GLU A 172 19.60 34.99 10.63
N LYS A 173 18.72 33.99 10.57
CA LYS A 173 17.81 33.84 9.44
C LYS A 173 16.83 35.02 9.45
N MET A 174 16.18 35.26 10.57
CA MET A 174 15.20 36.34 10.64
C MET A 174 15.84 37.70 10.33
N GLU A 175 17.13 37.90 10.65
CA GLU A 175 17.82 39.16 10.32
C GLU A 175 18.07 39.32 8.82
N LEU A 176 18.54 38.26 8.14
CA LEU A 176 18.74 38.37 6.71
C LEU A 176 17.45 38.64 5.94
N ILE A 177 16.36 38.01 6.36
CA ILE A 177 15.07 38.16 5.69
C ILE A 177 14.54 39.57 5.90
N GLU A 178 14.72 40.11 7.09
CA GLU A 178 14.28 41.48 7.37
C GLU A 178 15.14 42.48 6.55
N LYS A 179 16.45 42.26 6.52
CA LYS A 179 17.35 43.20 5.86
C LYS A 179 17.04 43.34 4.36
N TYR A 180 16.91 42.19 3.69
CA TYR A 180 16.79 42.13 2.23
C TYR A 180 15.35 42.01 1.74
N ASN A 181 14.44 41.98 2.71
CA ASN A 181 13.02 41.95 2.48
C ASN A 181 12.52 40.75 1.72
N LEU A 182 13.01 39.57 2.07
CA LEU A 182 12.66 38.36 1.36
C LEU A 182 11.24 37.86 1.71
N PRO A 183 10.57 37.22 0.77
CA PRO A 183 9.35 36.49 1.11
C PRO A 183 9.72 35.26 1.93
N HIS A 184 8.95 34.98 2.99
CA HIS A 184 9.31 33.94 3.96
C HIS A 184 8.08 33.15 4.40
N VAL A 185 8.31 31.99 5.00
CA VAL A 185 7.20 31.17 5.53
C VAL A 185 6.68 31.93 6.74
N GLU A 186 5.39 31.82 7.05
CA GLU A 186 4.82 32.47 8.23
C GLU A 186 5.54 31.94 9.45
N ILE A 187 5.86 32.83 10.42
CA ILE A 187 6.48 32.41 11.66
C ILE A 187 5.42 32.54 12.73
N LEU A 188 5.12 31.43 13.43
CA LEU A 188 4.06 31.44 14.45
C LEU A 188 4.56 31.92 15.80
N GLY A 189 5.85 31.70 16.05
CA GLY A 189 6.53 32.18 17.20
C GLY A 189 7.41 31.11 17.83
N ARG A 190 7.85 31.40 19.05
CA ARG A 190 8.80 30.62 19.81
C ARG A 190 8.09 30.02 20.98
N PHE A 191 8.21 28.70 21.14
CA PHE A 191 7.34 27.98 22.07
C PHE A 191 8.13 26.98 22.88
N THR A 192 7.49 26.52 23.96
CA THR A 192 7.95 25.36 24.74
C THR A 192 6.85 24.33 24.77
N ALA A 193 7.21 23.09 25.12
CA ALA A 193 6.24 21.98 25.32
C ALA A 193 5.51 22.02 26.67
N SER A 194 5.31 23.20 27.23
CA SER A 194 4.54 23.34 28.47
C SER A 194 3.04 23.15 28.26
N GLU A 195 2.27 23.17 29.33
CA GLU A 195 0.81 23.12 29.18
C GLU A 195 0.37 24.26 28.25
N GLU A 196 0.83 25.47 28.51
CA GLU A 196 0.39 26.66 27.73
CA GLU A 196 0.35 26.62 27.76
C GLU A 196 0.87 26.59 26.31
N GLY A 197 2.16 26.33 26.13
CA GLY A 197 2.71 26.10 24.77
C GLY A 197 1.86 25.13 23.96
N ILE A 198 1.54 23.99 24.58
CA ILE A 198 0.80 22.98 23.86
C ILE A 198 -0.58 23.48 23.53
N LYS A 199 -1.25 24.22 24.41
CA LYS A 199 -2.60 24.67 24.08
C LYS A 199 -2.52 25.57 22.83
N LYS A 200 -1.53 26.46 22.78
CA LYS A 200 -1.44 27.42 21.69
C LYS A 200 -1.09 26.74 20.35
N ILE A 201 -0.11 25.86 20.38
CA ILE A 201 0.26 25.12 19.18
C ILE A 201 -0.91 24.29 18.67
N LYS A 202 -1.74 23.75 19.55
CA LYS A 202 -2.91 22.96 19.08
C LYS A 202 -3.96 23.87 18.47
N GLU A 203 -4.16 25.04 19.03
CA GLU A 203 -5.08 25.97 18.41
C GLU A 203 -4.56 26.33 16.98
N ILE A 204 -3.25 26.48 16.84
CA ILE A 204 -2.67 26.85 15.56
C ILE A 204 -2.94 25.77 14.50
N LEU A 205 -2.73 24.53 14.86
CA LEU A 205 -3.01 23.40 13.93
C LEU A 205 -4.47 23.21 13.60
N LYS A 206 -5.33 23.44 14.56
CA LYS A 206 -6.75 23.40 14.35
C LYS A 206 -7.13 24.47 13.32
N ARG A 207 -6.57 25.67 13.47
CA ARG A 207 -6.88 26.79 12.56
C ARG A 207 -6.34 26.52 11.12
N PHE A 208 -5.09 26.12 11.05
CA PHE A 208 -4.45 25.80 9.79
C PHE A 208 -5.25 24.73 9.06
N ASN A 209 -5.64 23.73 9.82
CA ASN A 209 -6.37 22.61 9.27
C ASN A 209 -7.66 23.14 8.71
N GLU A 210 -8.38 23.97 9.47
CA GLU A 210 -9.58 24.57 8.94
C GLU A 210 -9.31 25.46 7.78
N GLU A 211 -8.12 26.09 7.70
CA GLU A 211 -7.75 26.99 6.58
C GLU A 211 -7.14 26.23 5.40
N GLY A 212 -7.01 24.93 5.52
CA GLY A 212 -6.38 24.14 4.43
C GLY A 212 -4.89 24.30 4.31
N ARG A 213 -4.21 24.60 5.38
CA ARG A 213 -2.73 24.71 5.31
C ARG A 213 -2.10 23.36 5.55
N GLU A 214 -0.85 23.21 5.16
CA GLU A 214 -0.29 21.86 5.19
C GLU A 214 0.05 21.38 6.61
N GLY A 215 0.52 22.29 7.45
CA GLY A 215 1.12 21.91 8.72
C GLY A 215 2.17 22.90 9.17
N VAL A 216 3.01 22.48 10.10
CA VAL A 216 4.11 23.31 10.57
C VAL A 216 5.39 22.51 10.63
N VAL A 217 6.52 23.25 10.66
CA VAL A 217 7.83 22.67 11.02
C VAL A 217 8.32 23.26 12.32
N PHE A 218 8.75 22.39 13.24
CA PHE A 218 9.26 22.82 14.53
C PHE A 218 10.78 22.86 14.46
N LYS A 219 11.40 23.94 14.96
CA LYS A 219 12.89 24.16 14.87
C LYS A 219 13.51 24.58 16.20
N GLU A 220 14.26 23.66 16.80
CA GLU A 220 14.86 23.85 18.10
C GLU A 220 15.82 25.01 18.07
N ASP A 221 15.67 25.88 19.06
CA ASP A 221 16.42 27.12 19.12
C ASP A 221 17.71 26.73 19.83
N SER A 222 18.60 26.06 19.13
CA SER A 222 19.73 25.50 19.79
C SER A 222 20.82 25.17 18.82
N GLU A 223 21.97 24.73 19.36
CA GLU A 223 23.08 24.29 18.51
CA GLU A 223 23.11 24.25 18.57
C GLU A 223 22.75 23.07 17.65
N ARG A 224 22.20 22.03 18.22
CA ARG A 224 21.90 20.88 17.39
C ARG A 224 20.72 21.20 16.45
N ASN A 225 19.89 22.18 16.82
CA ASN A 225 18.87 22.73 15.94
C ASN A 225 17.93 21.66 15.33
N LYS A 226 17.45 20.77 16.19
CA LYS A 226 16.70 19.63 15.75
C LYS A 226 15.38 20.15 15.18
N ARG A 227 14.96 19.48 14.10
CA ARG A 227 13.71 19.78 13.42
C ARG A 227 12.74 18.62 13.46
N ALA A 228 11.46 18.98 13.33
CA ALA A 228 10.36 18.00 13.24
C ALA A 228 9.15 18.62 12.60
N LYS A 229 8.38 17.84 11.85
CA LYS A 229 7.21 18.39 11.16
C LYS A 229 5.93 17.65 11.54
N TYR A 230 4.82 18.35 11.46
CA TYR A 230 3.53 17.77 11.74
C TYR A 230 2.55 18.28 10.70
N ILE A 231 1.71 17.36 10.17
CA ILE A 231 0.81 17.60 9.02
C ILE A 231 -0.66 17.62 9.51
N THR A 232 -1.46 18.49 8.92
CA THR A 232 -2.89 18.53 9.23
C THR A 232 -3.60 17.33 8.61
N SER A 233 -4.76 16.99 9.15
CA SER A 233 -5.48 15.87 8.64
C SER A 233 -6.00 16.22 7.27
N TYR A 234 -6.41 17.49 7.10
CA TYR A 234 -6.78 17.97 5.76
C TYR A 234 -5.72 17.69 4.70
N ALA A 235 -4.48 18.03 4.98
CA ALA A 235 -3.44 17.81 3.99
C ALA A 235 -3.19 16.35 3.79
N ASN A 236 -3.22 15.57 4.84
CA ASN A 236 -3.05 14.14 4.71
C ASN A 236 -4.13 13.53 3.83
N LEU A 237 -5.39 13.89 4.09
CA LEU A 237 -6.47 13.48 3.22
C LEU A 237 -6.24 13.85 1.73
N MET A 238 -5.94 15.12 1.48
CA MET A 238 -5.76 15.65 0.14
C MET A 238 -4.60 14.91 -0.57
N ASP A 239 -3.54 14.58 0.16
CA ASP A 239 -2.48 13.78 -0.46
C ASP A 239 -3.03 12.46 -0.96
N ILE A 240 -3.89 11.80 -0.17
CA ILE A 240 -4.36 10.51 -0.59
C ILE A 240 -5.15 10.71 -1.87
N LYS A 241 -6.05 11.68 -1.86
CA LYS A 241 -6.90 11.97 -3.04
C LYS A 241 -6.16 12.36 -4.29
N THR A 242 -5.25 13.32 -4.18
CA THR A 242 -4.59 13.80 -5.38
C THR A 242 -3.58 12.80 -5.87
N ASN A 243 -3.26 11.77 -5.10
CA ASN A 243 -2.33 10.73 -5.56
C ASN A 243 -3.00 9.49 -6.13
N ALA A 244 -4.31 9.55 -6.34
CA ALA A 244 -5.03 8.39 -6.88
C ALA A 244 -4.43 7.91 -8.21
N LYS A 245 -4.19 8.82 -9.16
CA LYS A 245 -3.75 8.45 -10.52
C LYS A 245 -2.37 7.81 -10.49
N ASN A 246 -1.76 7.96 -9.32
CA ASN A 246 -0.36 7.71 -9.05
C ASN A 246 -0.18 6.45 -8.30
N MET A 247 -1.27 5.73 -8.08
CA MET A 247 -1.28 4.60 -7.11
C MET A 247 -0.42 3.40 -7.46
N LEU A 248 0.00 3.23 -8.70
CA LEU A 248 0.76 2.04 -9.03
C LEU A 248 2.23 2.29 -8.66
N GLN A 249 2.61 3.56 -8.59
CA GLN A 249 3.93 3.98 -8.17
C GLN A 249 4.02 4.24 -6.64
N LEU A 250 3.47 3.35 -5.80
CA LEU A 250 3.37 3.61 -4.35
C LEU A 250 4.45 2.96 -3.51
N PRO A 251 5.17 3.74 -2.70
CA PRO A 251 6.20 3.11 -1.90
C PRO A 251 5.65 2.09 -0.89
N PRO A 252 6.55 1.26 -0.30
CA PRO A 252 6.16 0.19 0.64
C PRO A 252 5.57 0.62 1.97
N GLU A 253 5.10 1.85 2.10
CA GLU A 253 4.28 2.22 3.27
C GLU A 253 3.45 3.46 3.05
N TYR A 254 2.90 3.74 1.87
CA TYR A 254 1.94 4.87 1.80
C TYR A 254 0.70 4.55 2.71
N TYR A 255 0.29 3.28 2.78
CA TYR A 255 -0.95 2.92 3.50
C TYR A 255 -0.73 3.08 4.96
N THR A 256 0.06 2.17 5.50
CA THR A 256 0.36 2.19 6.90
C THR A 256 0.70 3.63 7.44
N ASN A 257 1.25 4.49 6.56
CA ASN A 257 1.83 5.75 6.97
C ASN A 257 0.85 6.90 6.99
N ARG A 258 0.18 7.16 5.87
CA ARG A 258 -0.77 8.28 5.86
C ARG A 258 -2.06 8.02 6.66
N ILE A 259 -2.44 6.74 6.76
CA ILE A 259 -3.56 6.34 7.56
C ILE A 259 -3.25 6.42 9.05
N LEU A 260 -2.08 5.90 9.45
CA LEU A 260 -1.61 6.09 10.81
C LEU A 260 -1.54 7.58 11.20
N ARG A 261 -1.24 8.46 10.27
CA ARG A 261 -1.26 9.89 10.64
C ARG A 261 -2.68 10.32 11.03
N LEU A 262 -3.66 9.90 10.24
CA LEU A 262 -5.04 10.23 10.52
CA LEU A 262 -5.04 10.20 10.51
C LEU A 262 -5.51 9.50 11.76
N VAL A 263 -5.19 8.22 11.89
CA VAL A 263 -5.64 7.48 13.04
C VAL A 263 -5.07 8.01 14.35
N LEU A 264 -3.78 8.32 14.37
CA LEU A 264 -3.19 8.87 15.62
C LEU A 264 -3.64 10.28 16.01
N PHE A 265 -4.03 11.10 15.03
CA PHE A 265 -4.69 12.37 15.30
C PHE A 265 -6.05 12.10 15.91
N MET A 266 -6.83 11.20 15.30
CA MET A 266 -8.15 10.82 15.88
C MET A 266 -8.02 10.37 17.31
N TYR A 267 -6.97 9.60 17.58
CA TYR A 267 -6.74 9.10 18.92
C TYR A 267 -6.32 10.20 19.86
N GLU A 268 -5.46 11.09 19.38
CA GLU A 268 -5.04 12.17 20.23
C GLU A 268 -6.24 13.06 20.56
N GLU A 269 -7.07 13.34 19.57
CA GLU A 269 -8.17 14.27 19.77
C GLU A 269 -9.46 13.63 20.28
N GLY A 270 -9.57 12.32 20.31
CA GLY A 270 -10.86 11.67 20.60
C GLY A 270 -11.66 11.32 19.34
N LEU A 271 -12.24 10.11 19.35
CA LEU A 271 -12.95 9.51 18.18
C LEU A 271 -14.42 9.93 18.15
N LYS A 272 -14.92 10.49 19.27
CA LYS A 272 -16.23 11.10 19.28
C LYS A 272 -16.18 12.23 18.26
N THR A 273 -15.36 13.22 18.58
CA THR A 273 -15.39 14.49 17.87
C THR A 273 -14.67 14.48 16.48
N THR A 274 -14.24 13.30 16.04
CA THR A 274 -13.43 13.18 14.84
C THR A 274 -14.05 12.18 13.83
N GLU A 275 -15.32 11.81 14.04
CA GLU A 275 -16.04 10.77 13.27
C GLU A 275 -16.24 11.07 11.75
N HIS A 276 -16.31 12.35 11.40
CA HIS A 276 -16.45 12.76 10.01
C HIS A 276 -15.25 12.27 9.17
N LEU A 277 -14.13 11.94 9.83
CA LEU A 277 -12.94 11.48 9.12
C LEU A 277 -13.17 10.09 8.48
N TYR A 278 -14.10 9.32 8.97
CA TYR A 278 -14.41 8.08 8.30
C TYR A 278 -14.81 8.34 6.85
N GLU A 279 -15.87 9.12 6.66
CA GLU A 279 -16.35 9.39 5.32
C GLU A 279 -15.27 10.10 4.51
N GLU A 280 -14.60 11.04 5.13
CA GLU A 280 -13.57 11.78 4.43
C GLU A 280 -12.44 10.85 3.98
N LEU A 281 -11.98 9.93 4.84
CA LEU A 281 -10.93 9.01 4.38
C LEU A 281 -11.41 8.14 3.15
N GLY A 282 -12.65 7.65 3.18
CA GLY A 282 -13.28 6.93 2.10
C GLY A 282 -13.34 7.72 0.80
N ARG A 283 -13.75 8.99 0.93
CA ARG A 283 -13.80 9.89 -0.23
C ARG A 283 -12.46 10.17 -0.77
N ALA A 284 -11.48 10.33 0.07
CA ALA A 284 -10.17 10.55 -0.44
C ALA A 284 -9.77 9.40 -1.40
N PHE A 285 -9.94 8.13 -1.01
CA PHE A 285 -9.57 7.04 -1.92
C PHE A 285 -10.57 6.89 -3.04
N ILE A 286 -11.84 6.89 -2.71
CA ILE A 286 -12.82 6.55 -3.70
C ILE A 286 -12.97 7.66 -4.74
N ASP A 287 -13.09 8.91 -4.33
CA ASP A 287 -13.32 9.94 -5.37
C ASP A 287 -12.13 10.24 -6.26
N GLY A 288 -10.91 10.09 -5.77
CA GLY A 288 -9.74 10.28 -6.65
C GLY A 288 -9.69 9.22 -7.74
N LEU A 289 -10.01 8.00 -7.38
CA LEU A 289 -9.98 6.89 -8.31
C LEU A 289 -11.18 6.98 -9.25
N PHE A 290 -12.35 7.37 -8.74
CA PHE A 290 -13.56 7.55 -9.59
C PHE A 290 -13.29 8.55 -10.67
N GLN A 291 -12.66 9.67 -10.30
CA GLN A 291 -12.28 10.65 -11.30
C GLN A 291 -11.28 10.16 -12.29
N ALA A 292 -10.34 9.30 -11.88
CA ALA A 292 -9.42 8.75 -12.86
C ALA A 292 -10.17 7.78 -13.83
N ILE A 293 -11.17 7.03 -13.33
CA ILE A 293 -12.04 6.23 -14.22
C ILE A 293 -12.91 7.07 -15.15
N GLU A 294 -13.53 8.14 -14.62
CA GLU A 294 -14.28 9.07 -15.52
C GLU A 294 -13.33 9.64 -16.61
N GLN A 295 -12.11 10.03 -16.24
CA GLN A 295 -11.21 10.62 -17.20
C GLN A 295 -10.81 9.57 -18.26
N PHE A 296 -10.55 8.35 -17.81
CA PHE A 296 -10.28 7.24 -18.71
C PHE A 296 -11.41 6.97 -19.68
N GLU A 297 -12.65 6.97 -19.20
CA GLU A 297 -13.80 6.77 -20.09
C GLU A 297 -13.97 7.89 -21.10
N LYS A 298 -13.72 9.12 -20.68
CA LYS A 298 -13.83 10.27 -21.58
C LYS A 298 -12.68 10.35 -22.58
N GLU A 299 -11.46 10.37 -22.11
CA GLU A 299 -10.30 10.72 -22.94
C GLU A 299 -9.43 9.53 -23.23
N HIS A 300 -9.75 8.36 -22.68
CA HIS A 300 -9.06 7.10 -23.07
C HIS A 300 -7.59 7.04 -22.60
N LYS A 301 -7.26 7.95 -21.68
CA LYS A 301 -5.95 8.08 -21.06
C LYS A 301 -6.15 8.58 -19.62
N VAL A 302 -5.27 8.16 -18.71
CA VAL A 302 -5.26 8.74 -17.38
C VAL A 302 -4.02 9.62 -17.22
N TYR A 303 -4.24 10.90 -16.98
CA TYR A 303 -3.16 11.86 -16.99
C TYR A 303 -3.48 13.09 -16.10
N LYS A 304 -2.43 13.79 -15.66
CA LYS A 304 -2.56 15.10 -14.98
C LYS A 304 -2.03 16.19 -15.89
N THR A 305 -2.71 17.32 -15.99
CA THR A 305 -2.21 18.42 -16.83
C THR A 305 -1.53 19.43 -15.94
N PHE A 306 -0.39 19.95 -16.38
CA PHE A 306 0.38 20.99 -15.67
C PHE A 306 0.52 22.21 -16.54
N THR A 307 0.53 23.40 -15.94
CA THR A 307 0.72 24.61 -16.73
C THR A 307 1.67 25.59 -16.05
N CYS A 308 2.60 26.15 -16.79
CA CYS A 308 3.59 27.05 -16.17
C CYS A 308 4.21 27.98 -17.22
N LYS A 309 4.88 29.03 -16.75
CA LYS A 309 5.36 30.19 -17.58
C LYS A 309 6.87 30.35 -17.57
N PHE A 310 7.47 30.66 -18.70
CA PHE A 310 8.89 30.91 -18.73
C PHE A 310 9.23 32.22 -19.40
N ARG A 311 10.34 32.82 -18.97
CA ARG A 311 10.95 33.96 -19.67
C ARG A 311 11.67 33.48 -20.94
N LYS A 312 12.23 32.27 -20.90
CA LYS A 312 12.93 31.73 -22.04
C LYS A 312 12.30 30.44 -22.53
N LYS A 313 12.08 30.35 -23.83
CA LYS A 313 11.69 29.09 -24.50
C LYS A 313 12.66 27.94 -24.31
N GLU A 314 13.95 28.14 -24.50
CA GLU A 314 14.89 27.04 -24.30
C GLU A 314 14.66 26.36 -22.91
N ASN A 315 14.30 27.15 -21.90
CA ASN A 315 14.06 26.66 -20.54
C ASN A 315 12.81 25.79 -20.37
N ALA A 316 11.78 26.05 -21.17
CA ALA A 316 10.60 25.23 -21.14
C ALA A 316 10.91 23.93 -21.80
N ILE A 317 11.66 23.97 -22.90
CA ILE A 317 12.08 22.73 -23.58
C ILE A 317 12.97 21.93 -22.65
N ALA A 318 13.93 22.60 -21.99
CA ALA A 318 14.81 21.94 -21.03
C ALA A 318 14.01 21.30 -19.89
N LEU A 319 12.93 21.97 -19.46
CA LEU A 319 12.10 21.38 -18.41
C LEU A 319 11.41 20.08 -18.87
N LEU A 320 10.77 20.08 -20.04
CA LEU A 320 10.22 18.83 -20.63
C LEU A 320 11.23 17.72 -20.64
N GLU A 321 12.43 18.03 -21.11
CA GLU A 321 13.48 17.02 -21.23
CA GLU A 321 13.51 17.04 -21.22
C GLU A 321 13.92 16.53 -19.83
N LEU A 322 13.99 17.44 -18.87
CA LEU A 322 14.25 16.99 -17.49
C LEU A 322 13.16 15.99 -16.99
N LEU A 323 11.91 16.34 -17.15
CA LEU A 323 10.84 15.52 -16.63
C LEU A 323 10.74 14.13 -17.30
N SER A 324 11.01 14.02 -18.59
CA SER A 324 11.09 12.70 -19.24
C SER A 324 12.12 11.76 -18.60
N LYS A 325 13.26 12.29 -18.16
CA LYS A 325 14.33 11.46 -17.60
C LYS A 325 14.04 10.89 -16.20
N THR A 326 13.17 11.53 -15.40
CA THR A 326 12.85 10.98 -14.06
C THR A 326 11.71 9.96 -14.23
N SER A 327 10.50 10.43 -14.05
CA SER A 327 9.32 9.80 -14.62
C SER A 327 9.57 8.72 -15.72
N LYS A 328 9.70 7.45 -15.32
CA LYS A 328 9.51 6.32 -16.25
C LYS A 328 8.14 5.71 -15.89
N HIS A 329 7.52 5.01 -16.84
CA HIS A 329 6.09 4.61 -16.78
C HIS A 329 5.15 5.85 -16.90
N ILE A 330 5.69 7.03 -16.62
CA ILE A 330 4.97 8.28 -16.82
C ILE A 330 5.43 8.87 -18.15
N GLN A 331 4.50 9.19 -19.05
CA GLN A 331 4.83 9.84 -20.31
C GLN A 331 4.65 11.34 -20.14
N VAL A 332 5.71 12.11 -20.44
CA VAL A 332 5.61 13.58 -20.55
C VAL A 332 5.29 13.95 -21.99
N LYS A 333 4.19 14.69 -22.15
CA LYS A 333 3.59 14.94 -23.45
C LYS A 333 3.15 16.40 -23.53
N GLU A 334 3.85 17.18 -24.35
CA GLU A 334 3.60 18.61 -24.49
C GLU A 334 2.24 18.82 -25.11
N ARG A 335 1.46 19.76 -24.60
CA ARG A 335 0.24 20.21 -25.33
C ARG A 335 0.46 21.55 -26.01
N ARG A 336 0.89 22.55 -25.25
CA ARG A 336 1.04 23.94 -25.74
C ARG A 336 2.37 24.57 -25.32
N LEU A 337 3.06 25.19 -26.28
CA LEU A 337 4.20 26.07 -26.02
C LEU A 337 4.07 27.31 -26.90
N GLU A 338 3.62 28.39 -26.29
CA GLU A 338 3.16 29.59 -26.99
C GLU A 338 3.62 30.88 -26.28
N LYS A 339 4.10 31.86 -27.02
CA LYS A 339 4.25 33.18 -26.45
C LYS A 339 2.95 33.64 -25.81
N GLU A 340 3.05 34.32 -24.68
CA GLU A 340 1.91 34.80 -23.93
C GLU A 340 2.45 35.97 -23.11
N GLY A 341 2.11 37.19 -23.54
CA GLY A 341 2.70 38.39 -22.96
C GLY A 341 4.18 38.36 -23.27
N ASP A 342 5.00 38.59 -22.25
CA ASP A 342 6.47 38.43 -22.31
C ASP A 342 7.01 37.05 -21.90
N TYR A 343 6.11 36.08 -21.70
CA TYR A 343 6.49 34.73 -21.27
C TYR A 343 6.05 33.70 -22.29
N TRP A 344 6.81 32.62 -22.35
CA TRP A 344 6.39 31.40 -23.03
C TRP A 344 5.49 30.58 -22.09
N ARG A 345 4.23 30.35 -22.45
CA ARG A 345 3.34 29.49 -21.66
C ARG A 345 3.54 28.01 -22.01
N LEU A 346 3.77 27.17 -21.00
CA LEU A 346 3.87 25.72 -21.22
C LEU A 346 2.71 24.99 -20.55
N GLU A 347 2.09 24.08 -21.29
CA GLU A 347 1.10 23.17 -20.73
C GLU A 347 1.52 21.79 -21.11
N PHE A 348 1.48 20.85 -20.19
CA PHE A 348 1.87 19.49 -20.53
C PHE A 348 1.17 18.45 -19.67
N ASP A 349 1.16 17.23 -20.19
CA ASP A 349 0.54 16.12 -19.55
C ASP A 349 1.55 15.13 -18.96
N LYS A 350 1.32 14.67 -17.73
CA LYS A 350 1.93 13.44 -17.24
C LYS A 350 0.84 12.36 -17.43
N VAL A 351 1.08 11.43 -18.35
CA VAL A 351 0.20 10.32 -18.66
C VAL A 351 0.69 9.12 -17.86
N PHE A 352 -0.14 8.58 -16.99
CA PHE A 352 0.17 7.38 -16.19
C PHE A 352 -0.19 6.10 -16.97
N LEU A 353 0.80 5.51 -17.62
CA LEU A 353 0.60 4.43 -18.58
C LEU A 353 0.11 3.15 -17.93
N ASN A 354 0.61 2.90 -16.72
CA ASN A 354 0.24 1.68 -16.02
C ASN A 354 -1.16 1.77 -15.44
N MET A 355 -1.53 2.91 -14.89
CA MET A 355 -2.90 3.09 -14.46
C MET A 355 -3.80 3.05 -15.66
N THR A 356 -3.35 3.70 -16.74
CA THR A 356 -4.09 3.74 -17.99
C THR A 356 -4.37 2.33 -18.49
N GLY A 357 -3.32 1.53 -18.64
CA GLY A 357 -3.48 0.09 -19.06
C GLY A 357 -4.28 -0.76 -18.07
N LEU A 358 -4.14 -0.52 -16.76
CA LEU A 358 -4.86 -1.33 -15.79
C LEU A 358 -6.36 -1.04 -15.87
N LEU A 359 -6.73 0.22 -15.86
CA LEU A 359 -8.14 0.58 -15.91
C LEU A 359 -8.80 0.10 -17.21
N GLY A 360 -8.10 0.20 -18.33
CA GLY A 360 -8.54 -0.37 -19.58
C GLY A 360 -8.78 -1.88 -19.51
N HIS A 361 -7.90 -2.56 -18.78
CA HIS A 361 -7.97 -4.01 -18.69
C HIS A 361 -9.15 -4.45 -17.83
N LEU A 362 -9.34 -3.78 -16.69
CA LEU A 362 -10.45 -4.06 -15.82
C LEU A 362 -11.79 -3.61 -16.37
N LEU A 363 -11.87 -2.39 -16.90
CA LEU A 363 -13.13 -1.84 -17.47
C LEU A 363 -13.69 -2.61 -18.67
N SER A 364 -12.86 -3.28 -19.44
CA SER A 364 -13.36 -4.12 -20.52
C SER A 364 -13.52 -5.56 -20.05
N GLY A 365 -13.59 -5.77 -18.74
CA GLY A 365 -13.90 -7.13 -18.21
C GLY A 365 -12.73 -8.09 -18.10
N GLY A 366 -11.53 -7.55 -17.98
CA GLY A 366 -10.35 -8.34 -17.72
C GLY A 366 -10.24 -9.11 -16.41
N ILE A 367 -9.36 -10.11 -16.42
CA ILE A 367 -9.08 -10.98 -15.31
C ILE A 367 -7.75 -10.53 -14.65
N VAL A 368 -7.73 -10.43 -13.32
CA VAL A 368 -6.51 -10.15 -12.58
C VAL A 368 -6.21 -11.34 -11.65
N TYR A 369 -5.07 -11.99 -11.85
CA TYR A 369 -4.59 -12.99 -10.92
C TYR A 369 -3.95 -12.32 -9.75
N ASP A 370 -4.79 -12.04 -8.76
CA ASP A 370 -4.42 -11.96 -7.35
C ASP A 370 -5.51 -11.28 -6.52
N SER B 6 9.88 -33.11 -15.17
CA SER B 6 11.16 -33.87 -15.29
C SER B 6 12.00 -33.78 -13.99
N PRO B 7 13.19 -34.43 -13.97
CA PRO B 7 14.11 -34.22 -12.85
C PRO B 7 15.09 -33.04 -13.02
N GLU B 8 15.29 -32.57 -14.25
CA GLU B 8 16.12 -31.36 -14.50
C GLU B 8 15.33 -30.12 -14.10
N LEU B 9 14.03 -30.15 -14.40
CA LEU B 9 13.10 -29.18 -13.84
C LEU B 9 13.33 -29.07 -12.33
N VAL B 10 13.41 -30.22 -11.66
CA VAL B 10 13.73 -30.26 -10.24
C VAL B 10 15.02 -29.46 -9.99
N LYS B 11 16.15 -29.91 -10.55
CA LYS B 11 17.44 -29.21 -10.45
C LYS B 11 17.34 -27.69 -10.44
N GLU B 12 16.77 -27.13 -11.51
CA GLU B 12 16.63 -25.67 -11.63
C GLU B 12 15.84 -25.09 -10.45
N ALA B 13 14.70 -25.71 -10.12
CA ALA B 13 13.85 -25.23 -9.04
C ALA B 13 14.52 -25.37 -7.65
N LEU B 14 15.37 -26.37 -7.50
CA LEU B 14 16.11 -26.57 -6.25
C LEU B 14 17.15 -25.48 -6.11
N LYS B 15 18.10 -25.44 -7.05
CA LYS B 15 19.25 -24.53 -6.95
C LYS B 15 18.80 -23.09 -6.73
N LYS B 16 17.71 -22.71 -7.38
CA LYS B 16 17.16 -21.36 -7.24
C LYS B 16 15.99 -21.30 -6.26
N LYS B 17 16.03 -22.14 -5.21
CA LYS B 17 15.11 -22.06 -4.07
C LYS B 17 13.67 -22.56 -4.30
N LYS B 18 13.10 -22.23 -5.47
CA LYS B 18 11.68 -22.48 -5.82
C LYS B 18 11.01 -23.70 -5.16
N VAL B 19 11.62 -24.87 -5.36
CA VAL B 19 11.21 -26.13 -4.76
C VAL B 19 12.05 -26.37 -3.51
N ARG B 20 11.52 -27.16 -2.59
CA ARG B 20 12.18 -27.51 -1.32
C ARG B 20 11.80 -28.94 -0.93
N SER B 21 12.73 -29.66 -0.32
CA SER B 21 12.41 -30.95 0.25
C SER B 21 11.59 -30.67 1.51
N GLU B 22 10.78 -31.64 1.91
CA GLU B 22 9.98 -31.47 3.11
C GLU B 22 9.84 -32.78 3.85
N GLU B 23 9.86 -32.67 5.16
CA GLU B 23 9.95 -33.81 6.05
C GLU B 23 8.77 -33.68 7.03
N ALA B 24 7.75 -34.53 6.92
CA ALA B 24 6.62 -34.45 7.85
C ALA B 24 5.77 -35.73 7.84
N PHE B 25 5.18 -36.04 9.01
CA PHE B 25 4.26 -37.17 9.17
C PHE B 25 4.82 -38.54 8.77
N GLY B 26 6.14 -38.67 8.88
CA GLY B 26 6.86 -39.85 8.45
C GLY B 26 7.34 -39.72 7.01
N LEU B 27 6.87 -38.68 6.32
CA LEU B 27 7.09 -38.58 4.88
C LEU B 27 8.23 -37.64 4.49
N GLU B 28 8.86 -37.99 3.37
CA GLU B 28 9.78 -37.11 2.65
C GLU B 28 9.21 -36.84 1.23
N TYR B 29 9.22 -35.59 0.80
CA TYR B 29 8.70 -35.19 -0.51
C TYR B 29 9.17 -33.77 -0.87
N LEU B 30 9.01 -33.39 -2.15
CA LEU B 30 9.36 -32.03 -2.57
C LEU B 30 8.14 -31.15 -2.84
N ARG B 31 8.24 -29.90 -2.40
CA ARG B 31 7.15 -28.94 -2.39
C ARG B 31 7.58 -27.66 -3.09
N PHE B 32 6.90 -27.31 -4.18
CA PHE B 32 7.15 -26.03 -4.82
C PHE B 32 6.60 -24.93 -3.93
N ASN B 33 7.47 -24.26 -3.18
CA ASN B 33 7.07 -23.06 -2.43
C ASN B 33 6.65 -21.92 -3.33
N ASP B 34 7.03 -21.98 -4.60
CA ASP B 34 6.61 -20.93 -5.52
C ASP B 34 6.33 -21.41 -6.95
N ASP B 35 5.50 -20.62 -7.61
CA ASP B 35 4.98 -20.92 -8.90
C ASP B 35 6.18 -20.88 -9.83
N TYR B 36 6.30 -21.84 -10.75
CA TYR B 36 7.42 -21.83 -11.68
C TYR B 36 7.18 -22.60 -12.98
N LYS B 37 7.33 -21.88 -14.11
CA LYS B 37 7.18 -22.43 -15.47
C LYS B 37 6.11 -23.53 -15.58
N ASP B 38 4.87 -23.11 -15.27
CA ASP B 38 3.66 -23.91 -15.52
C ASP B 38 3.41 -25.03 -14.48
N ILE B 39 4.43 -25.33 -13.68
CA ILE B 39 4.20 -26.02 -12.42
C ILE B 39 3.67 -24.99 -11.43
N PRO B 40 2.43 -25.21 -10.94
CA PRO B 40 1.83 -24.28 -9.99
C PRO B 40 2.40 -24.44 -8.58
N ARG B 41 2.27 -23.37 -7.79
CA ARG B 41 2.64 -23.39 -6.39
C ARG B 41 1.88 -24.51 -5.68
N GLY B 42 2.51 -25.08 -4.66
CA GLY B 42 1.91 -26.17 -3.91
C GLY B 42 1.80 -27.52 -4.59
N THR B 43 2.33 -27.66 -5.80
CA THR B 43 2.51 -29.00 -6.35
C THR B 43 3.40 -29.74 -5.37
N ALA B 44 3.07 -30.98 -5.08
CA ALA B 44 3.83 -31.75 -4.12
C ALA B 44 4.27 -33.07 -4.75
N ILE B 45 5.58 -33.21 -4.88
CA ILE B 45 6.20 -34.40 -5.44
C ILE B 45 6.45 -35.38 -4.31
N PHE B 46 5.65 -36.46 -4.28
CA PHE B 46 5.88 -37.57 -3.37
C PHE B 46 6.66 -38.71 -4.06
N LYS B 47 6.87 -39.81 -3.34
CA LYS B 47 7.49 -40.99 -3.93
C LYS B 47 6.59 -41.52 -5.02
N ASP B 48 5.40 -41.97 -4.64
CA ASP B 48 4.54 -42.74 -5.55
C ASP B 48 3.79 -41.83 -6.55
N PHE B 49 3.66 -40.53 -6.24
CA PHE B 49 2.87 -39.66 -7.11
C PHE B 49 3.06 -38.16 -6.85
N ILE B 50 2.51 -37.38 -7.79
CA ILE B 50 2.42 -35.92 -7.70
C ILE B 50 0.95 -35.53 -7.41
N ILE B 51 0.74 -34.73 -6.38
CA ILE B 51 -0.55 -34.06 -6.19
C ILE B 51 -0.34 -32.65 -6.71
N TRP B 52 -0.92 -32.35 -7.87
CA TRP B 52 -0.70 -31.04 -8.49
C TRP B 52 -1.29 -29.86 -7.66
N GLY B 53 -0.57 -28.73 -7.72
CA GLY B 53 -1.01 -27.48 -7.12
C GLY B 53 -2.39 -27.12 -7.62
N TYR B 54 -3.17 -26.45 -6.77
CA TYR B 54 -4.50 -26.00 -7.16
C TYR B 54 -4.29 -24.70 -7.91
N PRO B 55 -4.64 -24.62 -9.21
CA PRO B 55 -4.34 -23.44 -10.02
C PRO B 55 -5.07 -22.17 -9.56
N HIS B 56 -4.55 -21.03 -10.00
CA HIS B 56 -5.02 -19.75 -9.53
C HIS B 56 -6.30 -19.44 -10.32
N ILE B 57 -7.28 -18.86 -9.65
CA ILE B 57 -8.51 -18.48 -10.31
C ILE B 57 -8.38 -16.98 -10.53
N GLY B 58 -8.52 -16.51 -11.74
CA GLY B 58 -8.55 -15.08 -11.95
C GLY B 58 -9.72 -14.40 -11.27
N ARG B 59 -9.56 -13.10 -10.92
CA ARG B 59 -10.66 -12.28 -10.43
C ARG B 59 -11.16 -11.32 -11.50
N ILE B 60 -12.49 -11.19 -11.68
CA ILE B 60 -13.05 -10.08 -12.44
C ILE B 60 -13.57 -9.03 -11.47
N PHE B 61 -13.47 -7.77 -11.88
CA PHE B 61 -13.77 -6.59 -11.04
C PHE B 61 -15.09 -5.96 -11.44
N LEU B 62 -15.46 -6.16 -12.70
CA LEU B 62 -16.74 -5.73 -13.27
C LEU B 62 -17.53 -6.98 -13.57
N LEU B 63 -18.73 -7.09 -13.04
CA LEU B 63 -19.46 -8.34 -13.15
C LEU B 63 -19.96 -8.61 -14.56
N GLU B 64 -20.72 -7.66 -15.12
CA GLU B 64 -21.29 -7.79 -16.48
CA GLU B 64 -21.29 -7.78 -16.49
C GLU B 64 -20.22 -7.94 -17.55
N THR B 65 -19.35 -6.96 -17.67
CA THR B 65 -18.35 -7.00 -18.69
C THR B 65 -17.40 -8.17 -18.50
N GLY B 66 -17.13 -8.53 -17.25
CA GLY B 66 -16.26 -9.67 -17.01
C GLY B 66 -16.85 -11.00 -17.47
N LEU B 67 -18.09 -11.25 -17.06
CA LEU B 67 -18.71 -12.51 -17.40
C LEU B 67 -18.80 -12.63 -18.92
N ARG B 68 -19.13 -11.51 -19.55
CA ARG B 68 -19.21 -11.46 -21.02
C ARG B 68 -17.92 -11.67 -21.72
N GLU B 69 -16.84 -11.10 -21.20
CA GLU B 69 -15.59 -11.21 -21.90
C GLU B 69 -14.94 -12.52 -21.63
N GLN B 70 -15.04 -12.97 -20.39
CA GLN B 70 -14.24 -14.11 -19.95
C GLN B 70 -14.79 -15.48 -20.38
N PHE B 71 -16.09 -15.58 -20.61
CA PHE B 71 -16.71 -16.88 -20.84
C PHE B 71 -17.31 -17.10 -22.23
N GLU B 72 -17.10 -18.33 -22.72
CA GLU B 72 -17.52 -18.77 -24.06
C GLU B 72 -18.73 -19.71 -24.06
N ALA B 73 -19.41 -19.86 -22.94
CA ALA B 73 -20.42 -20.86 -22.81
C ALA B 73 -21.13 -20.55 -21.51
N PRO B 74 -22.29 -21.19 -21.23
CA PRO B 74 -22.86 -21.12 -19.88
C PRO B 74 -21.86 -21.56 -18.83
N PHE B 75 -22.11 -21.17 -17.58
CA PHE B 75 -21.18 -21.44 -16.49
C PHE B 75 -21.92 -21.67 -15.18
N TRP B 76 -21.31 -22.46 -14.30
CA TRP B 76 -21.92 -22.79 -13.06
C TRP B 76 -21.54 -21.71 -12.05
N VAL B 77 -22.48 -21.31 -11.23
CA VAL B 77 -22.17 -20.37 -10.18
C VAL B 77 -22.15 -21.12 -8.88
N GLU B 78 -20.97 -21.16 -8.24
CA GLU B 78 -20.75 -21.79 -6.92
C GLU B 78 -20.42 -20.71 -5.82
N GLU B 79 -20.86 -20.95 -4.58
CA GLU B 79 -20.50 -20.03 -3.47
C GLU B 79 -19.00 -20.12 -3.19
N LYS B 80 -18.38 -18.97 -3.01
CA LYS B 80 -17.06 -18.90 -2.52
C LYS B 80 -17.15 -18.73 -1.02
N VAL B 81 -16.64 -19.75 -0.36
CA VAL B 81 -16.67 -19.85 1.09
C VAL B 81 -15.37 -19.33 1.63
N ASP B 82 -15.49 -18.50 2.66
CA ASP B 82 -14.35 -17.85 3.28
C ASP B 82 -13.64 -18.69 4.36
N GLY B 83 -12.78 -19.58 3.91
CA GLY B 83 -11.89 -20.35 4.75
C GLY B 83 -10.51 -20.48 4.11
N TYR B 84 -9.96 -21.69 4.08
CA TYR B 84 -8.67 -21.95 3.46
C TYR B 84 -8.78 -23.22 2.66
N ASN B 85 -8.05 -23.24 1.56
CA ASN B 85 -8.01 -24.33 0.58
C ASN B 85 -7.33 -25.54 1.19
N THR B 86 -7.87 -26.73 0.92
CA THR B 86 -7.18 -27.94 1.19
C THR B 86 -7.36 -28.98 0.07
N ARG B 87 -6.36 -29.84 -0.09
CA ARG B 87 -6.43 -30.94 -1.03
C ARG B 87 -6.15 -32.20 -0.22
N ILE B 88 -7.08 -33.14 -0.27
CA ILE B 88 -7.03 -34.29 0.60
C ILE B 88 -6.69 -35.48 -0.30
N PHE B 89 -5.83 -36.39 0.14
CA PHE B 89 -5.60 -37.65 -0.60
C PHE B 89 -5.25 -38.81 0.34
N LYS B 90 -5.20 -40.02 -0.21
CA LYS B 90 -4.85 -41.23 0.54
C LYS B 90 -3.47 -41.75 0.12
N TYR B 91 -2.63 -42.06 1.10
CA TYR B 91 -1.29 -42.58 0.83
C TYR B 91 -1.00 -43.77 1.74
N GLY B 92 -1.00 -44.96 1.14
CA GLY B 92 -1.00 -46.19 1.92
C GLY B 92 -2.37 -46.35 2.56
N ASP B 93 -2.40 -46.69 3.85
CA ASP B 93 -3.67 -46.83 4.57
C ASP B 93 -4.08 -45.52 5.26
N ASN B 94 -3.30 -44.45 5.05
CA ASN B 94 -3.52 -43.12 5.66
C ASN B 94 -3.96 -41.99 4.73
N TYR B 95 -4.37 -40.87 5.35
CA TYR B 95 -4.95 -39.73 4.64
C TYR B 95 -4.29 -38.41 5.02
N TYR B 96 -4.03 -37.57 4.03
CA TYR B 96 -3.28 -36.34 4.26
C TYR B 96 -4.00 -35.14 3.67
N ALA B 97 -3.86 -33.99 4.31
CA ALA B 97 -4.46 -32.76 3.83
C ALA B 97 -3.34 -31.82 3.57
N LEU B 98 -3.27 -31.30 2.34
CA LEU B 98 -2.28 -30.33 1.93
C LEU B 98 -2.86 -28.95 1.86
N SER B 99 -2.21 -28.02 2.55
CA SER B 99 -2.45 -26.61 2.37
C SER B 99 -2.18 -26.22 0.91
N ARG B 100 -2.55 -24.96 0.59
CA ARG B 100 -2.31 -24.35 -0.71
C ARG B 100 -0.81 -24.25 -0.97
N GLY B 101 -0.06 -23.95 0.08
CA GLY B 101 1.38 -23.78 -0.05
C GLY B 101 2.08 -25.10 -0.29
N GLY B 102 1.41 -26.20 0.02
CA GLY B 102 1.94 -27.54 -0.26
C GLY B 102 2.41 -28.31 0.98
N PHE B 103 2.35 -27.69 2.15
CA PHE B 103 2.59 -28.39 3.41
C PHE B 103 1.42 -29.30 3.76
N ILE B 104 1.73 -30.40 4.44
CA ILE B 104 0.73 -31.25 5.02
C ILE B 104 0.19 -30.52 6.25
N CYS B 105 -1.09 -30.17 6.21
CA CYS B 105 -1.67 -29.40 7.29
C CYS B 105 -1.87 -30.29 8.53
N PRO B 106 -1.25 -29.92 9.66
CA PRO B 106 -1.40 -30.79 10.83
C PRO B 106 -2.82 -30.72 11.45
N PHE B 107 -3.53 -29.62 11.21
CA PHE B 107 -4.85 -29.44 11.80
C PHE B 107 -5.85 -30.17 10.97
N THR B 108 -5.88 -29.85 9.69
CA THR B 108 -6.78 -30.48 8.77
C THR B 108 -6.61 -31.97 8.75
N THR B 109 -5.37 -32.44 8.58
CA THR B 109 -5.12 -33.88 8.58
C THR B 109 -5.56 -34.54 9.89
N ASP B 110 -5.23 -33.94 11.02
CA ASP B 110 -5.69 -34.46 12.31
C ASP B 110 -7.20 -34.59 12.36
N ARG B 111 -7.90 -33.67 11.70
CA ARG B 111 -9.34 -33.55 11.86
C ARG B 111 -10.17 -34.18 10.75
N LEU B 112 -9.51 -34.76 9.74
CA LEU B 112 -10.23 -35.32 8.59
C LEU B 112 -11.40 -36.21 8.98
N PRO B 113 -11.17 -37.19 9.86
CA PRO B 113 -12.32 -38.03 10.21
C PRO B 113 -13.51 -37.30 10.82
N ASP B 114 -13.29 -36.17 11.45
CA ASP B 114 -14.41 -35.37 11.94
C ASP B 114 -15.11 -34.57 10.85
N LEU B 115 -14.37 -34.18 9.81
CA LEU B 115 -14.83 -33.20 8.83
C LEU B 115 -15.44 -33.84 7.58
N ILE B 116 -15.15 -35.11 7.30
CA ILE B 116 -15.54 -35.75 6.06
C ILE B 116 -15.34 -37.27 6.03
N ASP B 117 -16.33 -37.97 5.55
CA ASP B 117 -16.26 -39.41 5.28
C ASP B 117 -15.38 -39.66 4.07
N LEU B 118 -14.22 -40.31 4.26
CA LEU B 118 -13.28 -40.55 3.18
C LEU B 118 -13.37 -41.94 2.55
N ARG B 119 -14.52 -42.56 2.69
CA ARG B 119 -14.78 -43.82 1.95
C ARG B 119 -14.51 -43.62 0.46
N ILE B 120 -14.92 -42.46 -0.04
CA ILE B 120 -14.72 -42.09 -1.44
C ILE B 120 -13.29 -42.36 -1.88
N LEU B 121 -12.31 -42.06 -1.03
CA LEU B 121 -10.90 -42.33 -1.34
C LEU B 121 -10.50 -43.82 -1.16
N ASP B 122 -11.17 -44.52 -0.25
CA ASP B 122 -10.92 -45.96 -0.11
C ASP B 122 -11.28 -46.63 -1.43
N GLU B 123 -12.47 -46.32 -1.94
CA GLU B 123 -12.96 -46.84 -3.22
C GLU B 123 -12.42 -46.09 -4.46
N ASN B 124 -11.83 -44.91 -4.29
CA ASN B 124 -11.33 -44.14 -5.42
C ASN B 124 -9.98 -43.46 -5.11
N PRO B 125 -8.95 -44.27 -4.79
CA PRO B 125 -7.66 -43.73 -4.30
C PRO B 125 -6.92 -42.82 -5.27
N ASP B 126 -7.41 -42.73 -6.51
CA ASP B 126 -6.87 -41.80 -7.52
CA ASP B 126 -6.85 -41.79 -7.52
C ASP B 126 -7.26 -40.33 -7.27
N LEU B 127 -8.33 -40.12 -6.52
CA LEU B 127 -8.89 -38.78 -6.39
C LEU B 127 -8.18 -37.94 -5.36
N VAL B 128 -8.12 -36.63 -5.66
CA VAL B 128 -7.74 -35.57 -4.73
C VAL B 128 -8.97 -34.69 -4.50
N ILE B 129 -9.45 -34.60 -3.26
CA ILE B 129 -10.63 -33.79 -2.96
C ILE B 129 -10.15 -32.38 -2.64
N CYS B 130 -10.65 -31.38 -3.37
CA CYS B 130 -10.33 -29.98 -3.14
C CYS B 130 -11.53 -29.37 -2.38
N ALA B 131 -11.23 -28.76 -1.24
CA ALA B 131 -12.26 -28.42 -0.29
C ALA B 131 -11.83 -27.20 0.46
N GLU B 132 -12.81 -26.44 0.94
CA GLU B 132 -12.56 -25.27 1.75
C GLU B 132 -12.85 -25.72 3.14
N VAL B 133 -11.98 -25.38 4.10
CA VAL B 133 -12.28 -25.64 5.50
C VAL B 133 -12.59 -24.28 6.12
N ALA B 134 -13.67 -24.12 6.87
CA ALA B 134 -14.05 -22.74 7.33
C ALA B 134 -14.83 -22.78 8.63
N GLY B 135 -14.69 -21.75 9.44
CA GLY B 135 -15.28 -21.77 10.76
C GLY B 135 -14.50 -20.82 11.64
N PRO B 136 -15.07 -20.48 12.79
CA PRO B 136 -14.44 -19.51 13.64
C PRO B 136 -13.25 -20.04 14.43
N GLU B 137 -13.01 -21.35 14.42
CA GLU B 137 -11.97 -21.93 15.22
C GLU B 137 -11.01 -22.69 14.31
N ASN B 138 -10.42 -21.96 13.37
CA ASN B 138 -9.33 -22.48 12.57
C ASN B 138 -8.07 -21.69 12.89
N PRO B 139 -6.89 -22.29 12.66
CA PRO B 139 -5.58 -21.65 12.95
C PRO B 139 -5.03 -20.65 11.92
N TYR B 140 -5.68 -20.51 10.76
CA TYR B 140 -5.15 -19.73 9.64
C TYR B 140 -5.78 -18.37 9.42
N ILE B 141 -7.08 -18.28 9.60
CA ILE B 141 -7.82 -17.07 9.27
CA ILE B 141 -7.75 -17.02 9.34
C ILE B 141 -8.78 -16.73 10.39
N GLU B 142 -9.01 -15.46 10.64
CA GLU B 142 -9.85 -15.08 11.75
C GLU B 142 -11.32 -15.02 11.36
N GLU B 143 -11.59 -14.88 10.07
CA GLU B 143 -12.96 -14.80 9.63
C GLU B 143 -13.61 -16.17 9.50
N SER B 144 -14.93 -16.16 9.61
CA SER B 144 -15.76 -17.34 9.41
C SER B 144 -16.96 -17.03 8.48
N PRO B 145 -17.40 -18.02 7.69
CA PRO B 145 -18.68 -17.78 7.07
C PRO B 145 -19.69 -17.48 8.16
N PRO B 146 -20.76 -16.78 7.83
CA PRO B 146 -21.78 -16.42 8.80
C PRO B 146 -22.69 -17.57 9.23
N TYR B 147 -22.70 -18.65 8.47
CA TYR B 147 -23.47 -19.82 8.84
C TYR B 147 -22.63 -20.88 9.63
N VAL B 148 -21.36 -20.65 9.87
CA VAL B 148 -20.61 -21.61 10.71
C VAL B 148 -20.26 -20.90 12.01
N LYS B 149 -20.83 -21.33 13.13
CA LYS B 149 -20.66 -20.61 14.41
C LYS B 149 -19.76 -21.35 15.39
N GLU B 150 -19.36 -22.58 15.08
CA GLU B 150 -18.29 -23.18 15.86
C GLU B 150 -17.37 -24.08 15.05
N ASP B 151 -16.21 -24.32 15.65
CA ASP B 151 -15.29 -25.35 15.21
C ASP B 151 -14.89 -25.04 13.75
N VAL B 152 -14.95 -26.01 12.85
CA VAL B 152 -14.76 -25.77 11.43
C VAL B 152 -15.66 -26.75 10.64
N GLN B 153 -15.96 -26.41 9.39
CA GLN B 153 -16.64 -27.30 8.49
C GLN B 153 -15.87 -27.34 7.21
N LEU B 154 -16.04 -28.45 6.49
CA LEU B 154 -15.36 -28.69 5.22
C LEU B 154 -16.40 -28.60 4.13
N PHE B 155 -16.03 -28.01 3.00
CA PHE B 155 -16.95 -27.85 1.89
C PHE B 155 -16.23 -28.22 0.63
N VAL B 156 -16.57 -29.37 0.05
CA VAL B 156 -15.94 -29.74 -1.22
C VAL B 156 -16.38 -28.79 -2.37
N PHE B 157 -15.45 -28.45 -3.25
CA PHE B 157 -15.78 -27.63 -4.41
C PHE B 157 -15.24 -28.05 -5.77
N ASP B 158 -14.38 -29.07 -5.82
CA ASP B 158 -13.80 -29.67 -7.06
C ASP B 158 -13.09 -31.01 -6.77
N PHE B 159 -12.99 -31.89 -7.75
CA PHE B 159 -12.13 -33.09 -7.66
C PHE B 159 -10.99 -32.99 -8.67
N MET B 160 -9.79 -33.36 -8.22
CA MET B 160 -8.62 -33.51 -9.09
C MET B 160 -8.19 -34.97 -8.99
N LYS B 161 -7.23 -35.38 -9.81
CA LYS B 161 -6.68 -36.74 -9.73
C LYS B 161 -5.17 -36.70 -9.59
N LYS B 162 -4.63 -37.65 -8.83
CA LYS B 162 -3.17 -37.89 -8.75
C LYS B 162 -2.50 -37.95 -10.14
N ASN B 163 -1.41 -37.18 -10.28
CA ASN B 163 -0.68 -36.98 -11.56
C ASN B 163 -1.51 -36.41 -12.71
N GLU B 164 -2.50 -35.56 -12.40
CA GLU B 164 -3.35 -34.98 -13.43
C GLU B 164 -3.84 -33.57 -13.06
N GLN B 165 -3.81 -32.70 -14.08
CA GLN B 165 -3.80 -31.26 -13.84
C GLN B 165 -5.16 -30.54 -13.74
N GLY B 166 -6.21 -31.11 -14.31
CA GLY B 166 -7.51 -30.43 -14.41
C GLY B 166 -8.52 -30.88 -13.38
N PHE B 167 -9.79 -30.87 -13.77
CA PHE B 167 -10.87 -31.12 -12.83
C PHE B 167 -11.91 -32.02 -13.48
N LEU B 168 -12.49 -32.93 -12.69
CA LEU B 168 -13.64 -33.71 -13.15
C LEU B 168 -14.71 -32.70 -13.55
N SER B 169 -15.38 -32.95 -14.68
CA SER B 169 -16.47 -32.08 -15.13
C SER B 169 -17.37 -31.73 -13.95
N GLN B 170 -18.20 -30.71 -14.09
CA GLN B 170 -19.14 -30.39 -13.04
C GLN B 170 -20.02 -31.61 -12.73
N GLU B 171 -20.40 -32.35 -13.78
CA GLU B 171 -21.41 -33.40 -13.66
C GLU B 171 -20.84 -34.64 -12.99
N GLU B 172 -19.56 -34.93 -13.23
CA GLU B 172 -18.82 -35.98 -12.51
C GLU B 172 -18.58 -35.58 -11.04
N LYS B 173 -18.22 -34.31 -10.80
CA LYS B 173 -18.10 -33.78 -9.45
C LYS B 173 -19.41 -33.97 -8.69
N MET B 174 -20.50 -33.48 -9.27
CA MET B 174 -21.78 -33.63 -8.58
CA MET B 174 -21.83 -33.60 -8.66
C MET B 174 -22.17 -35.09 -8.43
N GLU B 175 -21.74 -35.92 -9.36
CA GLU B 175 -22.03 -37.35 -9.27
C GLU B 175 -21.44 -37.94 -8.01
N LEU B 176 -20.16 -37.67 -7.78
CA LEU B 176 -19.46 -38.19 -6.62
C LEU B 176 -19.93 -37.54 -5.29
N ILE B 177 -20.39 -36.30 -5.33
CA ILE B 177 -20.89 -35.64 -4.13
C ILE B 177 -22.23 -36.23 -3.70
N GLU B 178 -23.09 -36.56 -4.66
CA GLU B 178 -24.44 -37.14 -4.36
C GLU B 178 -24.32 -38.59 -3.90
N LYS B 179 -23.50 -39.36 -4.61
CA LYS B 179 -23.27 -40.79 -4.33
C LYS B 179 -22.67 -41.03 -2.95
N TYR B 180 -21.72 -40.17 -2.57
CA TYR B 180 -21.06 -40.29 -1.28
C TYR B 180 -21.55 -39.27 -0.24
N ASN B 181 -22.70 -38.64 -0.52
CA ASN B 181 -23.32 -37.62 0.36
C ASN B 181 -22.27 -36.71 1.07
N LEU B 182 -21.51 -35.97 0.25
CA LEU B 182 -20.37 -35.21 0.72
C LEU B 182 -20.81 -33.77 1.00
N PRO B 183 -20.19 -33.09 1.99
CA PRO B 183 -20.59 -31.69 2.21
C PRO B 183 -19.89 -30.87 1.14
N HIS B 184 -20.53 -29.80 0.67
CA HIS B 184 -20.12 -29.14 -0.57
C HIS B 184 -20.53 -27.68 -0.57
N VAL B 185 -19.90 -26.90 -1.42
CA VAL B 185 -20.30 -25.52 -1.60
C VAL B 185 -21.63 -25.47 -2.36
N GLU B 186 -22.49 -24.52 -2.02
CA GLU B 186 -23.76 -24.39 -2.69
C GLU B 186 -23.59 -24.15 -4.20
N ILE B 187 -24.37 -24.89 -5.01
CA ILE B 187 -24.55 -24.61 -6.45
C ILE B 187 -25.74 -23.67 -6.66
N LEU B 188 -25.47 -22.45 -7.10
CA LEU B 188 -26.51 -21.46 -7.34
C LEU B 188 -27.25 -21.75 -8.61
N GLY B 189 -26.61 -22.50 -9.52
CA GLY B 189 -27.22 -22.88 -10.79
C GLY B 189 -26.24 -22.74 -11.96
N ARG B 190 -26.77 -22.88 -13.17
CA ARG B 190 -26.00 -22.72 -14.41
CA ARG B 190 -25.97 -22.70 -14.40
C ARG B 190 -26.55 -21.47 -15.09
N PHE B 191 -25.67 -20.51 -15.42
CA PHE B 191 -26.09 -19.27 -16.05
C PHE B 191 -25.32 -18.93 -17.29
N THR B 192 -25.73 -17.85 -17.93
CA THR B 192 -24.97 -17.21 -19.01
C THR B 192 -25.00 -15.71 -18.74
N ALA B 193 -24.18 -14.97 -19.48
CA ALA B 193 -24.05 -13.51 -19.35
C ALA B 193 -25.08 -12.74 -20.20
N SER B 194 -26.21 -13.36 -20.53
CA SER B 194 -27.33 -12.64 -21.13
C SER B 194 -27.84 -11.61 -20.15
N GLU B 195 -28.71 -10.72 -20.59
CA GLU B 195 -29.33 -9.72 -19.71
C GLU B 195 -30.13 -10.35 -18.57
N GLU B 196 -30.71 -11.52 -18.83
CA GLU B 196 -31.50 -12.23 -17.84
C GLU B 196 -30.61 -12.96 -16.84
N GLY B 197 -29.54 -13.59 -17.33
CA GLY B 197 -28.54 -14.19 -16.44
C GLY B 197 -27.82 -13.21 -15.54
N ILE B 198 -27.37 -12.11 -16.13
CA ILE B 198 -26.67 -11.12 -15.38
C ILE B 198 -27.55 -10.56 -14.26
N LYS B 199 -28.81 -10.35 -14.56
CA LYS B 199 -29.71 -9.79 -13.58
C LYS B 199 -29.87 -10.75 -12.39
N LYS B 200 -29.92 -12.06 -12.65
CA LYS B 200 -30.08 -13.05 -11.56
C LYS B 200 -28.82 -13.22 -10.76
N ILE B 201 -27.69 -13.19 -11.44
CA ILE B 201 -26.43 -13.22 -10.74
C ILE B 201 -26.31 -11.99 -9.85
N LYS B 202 -26.68 -10.82 -10.34
CA LYS B 202 -26.62 -9.64 -9.49
C LYS B 202 -27.51 -9.82 -8.29
N GLU B 203 -28.66 -10.48 -8.45
CA GLU B 203 -29.58 -10.62 -7.31
C GLU B 203 -28.94 -11.53 -6.31
N ILE B 204 -28.31 -12.61 -6.75
CA ILE B 204 -27.54 -13.46 -5.84
C ILE B 204 -26.50 -12.62 -5.04
N LEU B 205 -25.72 -11.81 -5.71
CA LEU B 205 -24.61 -11.13 -5.06
C LEU B 205 -25.11 -10.14 -4.04
N LYS B 206 -26.30 -9.60 -4.25
CA LYS B 206 -26.89 -8.66 -3.30
C LYS B 206 -27.31 -9.40 -2.02
N ARG B 207 -27.87 -10.56 -2.22
CA ARG B 207 -28.20 -11.39 -1.08
C ARG B 207 -26.94 -11.79 -0.37
N PHE B 208 -25.93 -12.21 -1.12
CA PHE B 208 -24.68 -12.60 -0.46
C PHE B 208 -24.19 -11.40 0.38
N ASN B 209 -24.30 -10.20 -0.15
CA ASN B 209 -23.73 -9.05 0.52
C ASN B 209 -24.51 -8.77 1.77
N GLU B 210 -25.83 -8.89 1.68
CA GLU B 210 -26.70 -8.66 2.81
C GLU B 210 -26.49 -9.67 3.92
N GLU B 211 -26.01 -10.86 3.60
CA GLU B 211 -25.80 -11.90 4.61
C GLU B 211 -24.34 -12.12 4.95
N GLY B 212 -23.43 -11.29 4.45
CA GLY B 212 -22.04 -11.44 4.76
C GLY B 212 -21.30 -12.64 4.18
N ARG B 213 -21.78 -13.13 3.01
CA ARG B 213 -21.12 -14.20 2.25
C ARG B 213 -20.09 -13.62 1.30
N GLU B 214 -19.09 -14.41 0.93
CA GLU B 214 -17.90 -13.82 0.33
C GLU B 214 -18.05 -13.48 -1.12
N GLY B 215 -18.74 -14.34 -1.85
CA GLY B 215 -18.79 -14.18 -3.31
C GLY B 215 -18.95 -15.48 -4.03
N VAL B 216 -18.66 -15.51 -5.31
CA VAL B 216 -18.94 -16.69 -6.08
C VAL B 216 -17.75 -16.99 -6.99
N VAL B 217 -17.71 -18.24 -7.43
CA VAL B 217 -16.74 -18.75 -8.39
C VAL B 217 -17.54 -19.26 -9.57
N PHE B 218 -17.15 -18.80 -10.77
CA PHE B 218 -17.82 -19.11 -11.99
C PHE B 218 -17.04 -20.24 -12.70
N LYS B 219 -17.75 -21.27 -13.19
CA LYS B 219 -17.11 -22.43 -13.80
C LYS B 219 -17.74 -22.78 -15.17
N GLU B 220 -16.91 -22.76 -16.21
CA GLU B 220 -17.36 -22.81 -17.57
C GLU B 220 -17.78 -24.22 -17.92
N ASP B 221 -18.90 -24.35 -18.59
CA ASP B 221 -19.37 -25.65 -19.00
C ASP B 221 -18.67 -26.03 -20.33
N SER B 222 -17.39 -26.45 -20.24
CA SER B 222 -16.52 -26.60 -21.42
C SER B 222 -15.26 -27.42 -21.17
N GLU B 223 -14.69 -28.01 -22.23
CA GLU B 223 -13.44 -28.77 -22.09
C GLU B 223 -12.42 -27.94 -21.31
N ARG B 224 -12.17 -26.71 -21.77
CA ARG B 224 -11.20 -25.84 -21.11
C ARG B 224 -11.59 -25.51 -19.62
N ASN B 225 -12.87 -25.37 -19.33
CA ASN B 225 -13.36 -25.37 -17.93
C ASN B 225 -12.74 -24.15 -17.18
N LYS B 226 -12.82 -23.00 -17.83
CA LYS B 226 -12.30 -21.74 -17.32
C LYS B 226 -12.98 -21.30 -16.05
N ARG B 227 -12.21 -20.71 -15.16
CA ARG B 227 -12.75 -20.23 -13.91
C ARG B 227 -12.50 -18.76 -13.74
N ALA B 228 -13.35 -18.16 -12.93
CA ALA B 228 -13.18 -16.78 -12.50
C ALA B 228 -13.94 -16.66 -11.17
N LYS B 229 -13.59 -15.64 -10.37
CA LYS B 229 -14.28 -15.36 -9.11
C LYS B 229 -14.62 -13.88 -9.02
N TYR B 230 -15.68 -13.58 -8.29
CA TYR B 230 -16.09 -12.22 -8.05
C TYR B 230 -16.41 -12.17 -6.57
N ILE B 231 -16.01 -11.11 -5.89
CA ILE B 231 -16.11 -11.01 -4.43
C ILE B 231 -17.05 -9.84 -4.11
N THR B 232 -17.87 -9.98 -3.06
CA THR B 232 -18.75 -8.91 -2.62
C THR B 232 -17.95 -7.77 -1.96
N SER B 233 -18.54 -6.58 -1.95
CA SER B 233 -17.98 -5.40 -1.31
C SER B 233 -17.79 -5.57 0.20
N TYR B 234 -18.77 -6.20 0.87
CA TYR B 234 -18.65 -6.60 2.27
C TYR B 234 -17.35 -7.41 2.50
N ALA B 235 -17.14 -8.46 1.77
CA ALA B 235 -15.90 -9.24 1.93
C ALA B 235 -14.64 -8.43 1.65
N ASN B 236 -14.62 -7.56 0.63
CA ASN B 236 -13.46 -6.75 0.36
C ASN B 236 -13.22 -5.79 1.53
N LEU B 237 -14.30 -5.19 2.05
CA LEU B 237 -14.19 -4.34 3.22
C LEU B 237 -13.65 -5.12 4.39
N MET B 238 -14.13 -6.34 4.61
CA MET B 238 -13.71 -7.02 5.83
C MET B 238 -12.22 -7.41 5.76
N ASP B 239 -11.76 -7.75 4.57
CA ASP B 239 -10.37 -8.01 4.36
C ASP B 239 -9.47 -6.85 4.72
N ILE B 240 -9.91 -5.63 4.37
CA ILE B 240 -9.20 -4.43 4.79
C ILE B 240 -9.17 -4.38 6.33
N LYS B 241 -10.33 -4.36 6.96
CA LYS B 241 -10.45 -4.31 8.42
C LYS B 241 -9.65 -5.36 9.13
N THR B 242 -9.79 -6.59 8.68
CA THR B 242 -9.19 -7.78 9.28
C THR B 242 -7.69 -7.73 9.28
N ASN B 243 -7.15 -6.96 8.34
CA ASN B 243 -5.75 -6.91 8.10
C ASN B 243 -5.09 -5.67 8.69
N ALA B 244 -5.76 -4.93 9.57
CA ALA B 244 -5.21 -3.70 10.12
C ALA B 244 -3.87 -3.96 10.84
N LYS B 245 -3.84 -5.02 11.66
CA LYS B 245 -2.73 -5.35 12.52
C LYS B 245 -1.54 -5.86 11.73
N ASN B 246 -1.84 -6.14 10.47
CA ASN B 246 -1.05 -6.84 9.45
C ASN B 246 -0.44 -5.85 8.44
N MET B 247 -0.77 -4.57 8.58
CA MET B 247 -0.35 -3.56 7.61
C MET B 247 1.14 -3.55 7.28
N LEU B 248 2.02 -3.82 8.22
CA LEU B 248 3.46 -3.69 7.89
C LEU B 248 4.00 -4.89 7.09
N GLN B 249 3.31 -6.01 7.17
CA GLN B 249 3.68 -7.24 6.51
C GLN B 249 3.22 -7.38 5.05
N LEU B 250 2.40 -6.43 4.58
CA LEU B 250 1.65 -6.64 3.35
C LEU B 250 2.10 -5.61 2.35
N PRO B 251 2.24 -6.01 1.07
CA PRO B 251 2.59 -5.03 0.06
C PRO B 251 1.55 -3.89 0.01
N PRO B 252 1.94 -2.70 -0.50
CA PRO B 252 0.87 -1.71 -0.69
C PRO B 252 -0.20 -2.24 -1.68
N GLU B 253 0.23 -2.93 -2.76
CA GLU B 253 -0.70 -3.52 -3.75
C GLU B 253 -1.90 -4.18 -3.09
N TYR B 254 -1.70 -4.87 -1.97
CA TYR B 254 -2.82 -5.52 -1.26
C TYR B 254 -4.00 -4.59 -1.11
N TYR B 255 -3.73 -3.34 -0.81
CA TYR B 255 -4.79 -2.42 -0.43
C TYR B 255 -5.40 -1.70 -1.63
N THR B 256 -4.55 -1.24 -2.53
CA THR B 256 -4.99 -0.55 -3.78
C THR B 256 -5.73 -1.47 -4.78
N ASN B 257 -5.60 -2.77 -4.54
CA ASN B 257 -6.26 -3.77 -5.32
C ASN B 257 -7.68 -3.89 -4.78
N ARG B 258 -7.78 -3.96 -3.46
CA ARG B 258 -9.07 -4.04 -2.80
C ARG B 258 -9.79 -2.73 -2.87
N ILE B 259 -9.09 -1.60 -2.94
CA ILE B 259 -9.78 -0.32 -3.14
C ILE B 259 -10.41 -0.26 -4.51
N LEU B 260 -9.63 -0.66 -5.50
CA LEU B 260 -10.12 -0.76 -6.85
C LEU B 260 -11.33 -1.66 -6.99
N ARG B 261 -11.37 -2.75 -6.24
CA ARG B 261 -12.50 -3.65 -6.29
C ARG B 261 -13.73 -2.93 -5.81
N LEU B 262 -13.58 -2.15 -4.75
CA LEU B 262 -14.66 -1.43 -4.22
C LEU B 262 -15.07 -0.35 -5.20
N VAL B 263 -14.11 0.44 -5.68
CA VAL B 263 -14.38 1.52 -6.63
C VAL B 263 -15.01 1.04 -7.96
N LEU B 264 -14.60 -0.12 -8.46
CA LEU B 264 -15.17 -0.59 -9.71
C LEU B 264 -16.59 -1.08 -9.53
N PHE B 265 -16.89 -1.69 -8.40
CA PHE B 265 -18.29 -2.02 -8.06
C PHE B 265 -19.15 -0.77 -7.98
N MET B 266 -18.58 0.31 -7.46
CA MET B 266 -19.34 1.54 -7.29
C MET B 266 -19.58 2.13 -8.65
N TYR B 267 -18.59 2.04 -9.51
CA TYR B 267 -18.75 2.44 -10.90
C TYR B 267 -19.78 1.58 -11.60
N GLU B 268 -19.68 0.25 -11.48
CA GLU B 268 -20.66 -0.62 -12.15
C GLU B 268 -22.08 -0.29 -11.68
N GLU B 269 -22.31 -0.21 -10.37
CA GLU B 269 -23.68 -0.05 -9.85
C GLU B 269 -24.18 1.38 -9.70
N GLY B 270 -23.26 2.34 -9.78
CA GLY B 270 -23.62 3.75 -9.62
C GLY B 270 -23.42 4.23 -8.20
N LEU B 271 -22.89 5.43 -8.13
CA LEU B 271 -22.71 6.16 -6.90
C LEU B 271 -23.96 6.28 -6.03
N LYS B 272 -25.12 6.49 -6.62
CA LYS B 272 -26.35 6.70 -5.81
C LYS B 272 -26.67 5.50 -4.91
N THR B 273 -26.48 4.30 -5.45
CA THR B 273 -26.82 3.10 -4.72
C THR B 273 -25.63 2.63 -3.84
N THR B 274 -24.49 3.32 -3.91
CA THR B 274 -23.29 2.84 -3.18
C THR B 274 -22.59 3.87 -2.28
N GLU B 275 -23.27 4.99 -1.99
CA GLU B 275 -22.74 6.08 -1.12
C GLU B 275 -22.20 5.56 0.17
N HIS B 276 -22.88 4.59 0.75
CA HIS B 276 -22.57 4.05 2.07
C HIS B 276 -21.12 3.52 2.19
N LEU B 277 -20.51 3.22 1.05
CA LEU B 277 -19.20 2.61 1.04
C LEU B 277 -18.14 3.62 1.40
N TYR B 278 -18.40 4.89 1.18
CA TYR B 278 -17.46 5.89 1.62
C TYR B 278 -17.16 5.74 3.11
N GLU B 279 -18.16 5.85 3.98
CA GLU B 279 -17.90 5.73 5.41
C GLU B 279 -17.33 4.34 5.79
N GLU B 280 -17.79 3.32 5.11
CA GLU B 280 -17.48 2.00 5.53
C GLU B 280 -16.06 1.68 5.13
N LEU B 281 -15.59 2.19 4.01
CA LEU B 281 -14.15 2.06 3.67
C LEU B 281 -13.27 2.78 4.71
N GLY B 282 -13.75 3.91 5.17
CA GLY B 282 -13.04 4.69 6.17
C GLY B 282 -12.93 3.92 7.47
N ARG B 283 -14.06 3.36 7.88
CA ARG B 283 -14.06 2.50 9.06
C ARG B 283 -13.27 1.23 8.89
N ALA B 284 -13.23 0.64 7.70
CA ALA B 284 -12.41 -0.55 7.52
C ALA B 284 -10.91 -0.27 7.85
N PHE B 285 -10.38 0.87 7.45
CA PHE B 285 -9.00 1.20 7.83
C PHE B 285 -8.95 1.69 9.25
N ILE B 286 -9.78 2.68 9.59
CA ILE B 286 -9.54 3.35 10.87
C ILE B 286 -9.84 2.42 12.00
N ASP B 287 -10.96 1.70 11.93
CA ASP B 287 -11.37 0.97 13.15
C ASP B 287 -10.40 -0.15 13.56
N GLY B 288 -9.80 -0.81 12.58
CA GLY B 288 -8.86 -1.88 12.90
C GLY B 288 -7.59 -1.33 13.54
N LEU B 289 -7.08 -0.25 12.94
CA LEU B 289 -5.93 0.45 13.51
C LEU B 289 -6.23 0.98 14.92
N PHE B 290 -7.39 1.62 15.12
CA PHE B 290 -7.83 1.99 16.48
C PHE B 290 -7.84 0.81 17.44
N GLN B 291 -8.28 -0.32 16.97
CA GLN B 291 -8.26 -1.50 17.78
C GLN B 291 -6.79 -1.94 18.08
N ALA B 292 -5.89 -1.87 17.10
CA ALA B 292 -4.46 -2.12 17.36
C ALA B 292 -3.87 -1.19 18.43
N ILE B 293 -4.25 0.08 18.41
CA ILE B 293 -3.78 1.06 19.39
C ILE B 293 -4.33 0.77 20.79
N GLU B 294 -5.63 0.52 20.90
CA GLU B 294 -6.20 0.12 22.20
C GLU B 294 -5.52 -1.08 22.83
N GLN B 295 -5.34 -2.13 22.04
CA GLN B 295 -4.66 -3.33 22.46
C GLN B 295 -3.24 -2.99 22.93
N PHE B 296 -2.50 -2.20 22.16
CA PHE B 296 -1.16 -1.82 22.60
C PHE B 296 -1.15 -1.06 23.92
N GLU B 297 -2.06 -0.12 24.15
CA GLU B 297 -2.15 0.56 25.45
CA GLU B 297 -2.07 0.55 25.44
C GLU B 297 -2.35 -0.47 26.56
N LYS B 298 -3.22 -1.42 26.32
CA LYS B 298 -3.60 -2.38 27.37
C LYS B 298 -2.52 -3.47 27.60
N GLU B 299 -2.02 -4.12 26.53
CA GLU B 299 -1.20 -5.32 26.66
C GLU B 299 0.26 -5.12 26.31
N HIS B 300 0.57 -3.95 25.73
CA HIS B 300 1.92 -3.64 25.22
C HIS B 300 2.41 -4.58 24.09
N LYS B 301 1.43 -5.04 23.33
CA LYS B 301 1.62 -6.06 22.32
C LYS B 301 0.45 -5.92 21.36
N VAL B 302 0.71 -6.19 20.09
CA VAL B 302 -0.33 -6.19 19.09
C VAL B 302 -0.46 -7.60 18.58
N TYR B 303 -1.63 -8.19 18.77
CA TYR B 303 -1.79 -9.57 18.34
C TYR B 303 -3.22 -10.01 18.05
N LYS B 304 -3.33 -11.12 17.32
CA LYS B 304 -4.59 -11.84 17.19
C LYS B 304 -4.53 -13.18 17.91
N THR B 305 -5.60 -13.51 18.59
CA THR B 305 -5.69 -14.76 19.33
C THR B 305 -6.43 -15.74 18.44
N PHE B 306 -5.97 -16.99 18.36
CA PHE B 306 -6.62 -18.03 17.57
C PHE B 306 -6.91 -19.21 18.51
N THR B 307 -7.98 -19.97 18.21
CA THR B 307 -8.33 -21.18 18.98
C THR B 307 -8.77 -22.29 18.06
N CYS B 308 -8.43 -23.54 18.39
CA CYS B 308 -8.84 -24.65 17.55
C CYS B 308 -8.60 -25.95 18.29
N LYS B 309 -9.19 -27.06 17.80
CA LYS B 309 -9.30 -28.37 18.47
C LYS B 309 -8.60 -29.47 17.67
N PHE B 310 -7.89 -30.37 18.35
CA PHE B 310 -7.25 -31.51 17.69
C PHE B 310 -7.61 -32.80 18.37
N ARG B 311 -7.54 -33.92 17.63
CA ARG B 311 -7.65 -35.24 18.30
C ARG B 311 -6.38 -35.61 19.10
N LYS B 312 -5.24 -35.10 18.66
CA LYS B 312 -3.96 -35.55 19.20
C LYS B 312 -3.13 -34.34 19.56
N LYS B 313 -2.51 -34.39 20.74
CA LYS B 313 -1.59 -33.34 21.21
C LYS B 313 -0.48 -33.09 20.21
N GLU B 314 -0.01 -34.14 19.57
CA GLU B 314 1.17 -34.06 18.71
C GLU B 314 0.88 -33.09 17.59
N ASN B 315 -0.34 -33.16 17.08
CA ASN B 315 -0.70 -32.39 15.89
C ASN B 315 -0.90 -30.94 16.18
N ALA B 316 -1.33 -30.62 17.39
CA ALA B 316 -1.41 -29.21 17.80
C ALA B 316 0.01 -28.58 17.83
N ILE B 317 0.98 -29.34 18.33
CA ILE B 317 2.35 -28.84 18.36
C ILE B 317 2.93 -28.69 16.95
N ALA B 318 2.78 -29.71 16.09
CA ALA B 318 3.16 -29.61 14.68
C ALA B 318 2.49 -28.40 13.95
N LEU B 319 1.27 -28.03 14.29
CA LEU B 319 0.68 -26.80 13.72
C LEU B 319 1.42 -25.54 14.18
N LEU B 320 1.77 -25.47 15.47
CA LEU B 320 2.47 -24.26 15.97
C LEU B 320 3.85 -24.18 15.30
N GLU B 321 4.45 -25.33 15.10
CA GLU B 321 5.73 -25.36 14.41
C GLU B 321 5.54 -24.77 13.00
N LEU B 322 4.57 -25.30 12.28
CA LEU B 322 4.36 -24.98 10.86
C LEU B 322 4.07 -23.51 10.67
N LEU B 323 3.20 -22.95 11.51
CA LEU B 323 2.88 -21.54 11.42
C LEU B 323 4.12 -20.75 11.71
N SER B 324 4.98 -21.27 12.55
CA SER B 324 6.21 -20.55 12.87
C SER B 324 7.22 -20.48 11.72
N LYS B 325 7.33 -21.51 10.90
CA LYS B 325 8.34 -21.54 9.83
C LYS B 325 8.04 -20.53 8.75
N THR B 326 6.75 -20.34 8.48
CA THR B 326 6.30 -19.49 7.38
C THR B 326 6.24 -18.02 7.85
N SER B 327 5.28 -17.69 8.69
CA SER B 327 5.26 -16.39 9.38
C SER B 327 6.66 -15.81 9.78
N LYS B 328 6.96 -14.55 9.44
CA LYS B 328 8.12 -13.85 10.08
C LYS B 328 7.91 -12.35 10.42
N HIS B 329 8.69 -11.89 11.40
CA HIS B 329 8.37 -10.74 12.27
C HIS B 329 7.05 -10.96 13.07
N ILE B 330 6.43 -12.13 12.89
CA ILE B 330 5.19 -12.49 13.61
C ILE B 330 5.41 -13.72 14.46
N GLN B 331 5.41 -13.49 15.77
CA GLN B 331 5.62 -14.52 16.80
C GLN B 331 4.32 -15.32 17.05
N VAL B 332 4.44 -16.63 16.91
CA VAL B 332 3.36 -17.57 17.09
C VAL B 332 3.52 -18.14 18.49
N LYS B 333 2.80 -17.65 19.46
CA LYS B 333 3.07 -18.02 20.84
C LYS B 333 1.94 -18.81 21.48
N GLU B 334 2.23 -20.04 21.84
CA GLU B 334 1.20 -20.86 22.42
C GLU B 334 0.75 -20.21 23.73
N ARG B 335 -0.55 -20.22 23.96
CA ARG B 335 -1.15 -19.71 25.18
C ARG B 335 -1.66 -20.86 26.05
N ARG B 336 -2.27 -21.86 25.43
CA ARG B 336 -2.87 -22.97 26.17
C ARG B 336 -3.00 -24.21 25.34
N LEU B 337 -2.81 -25.36 25.97
CA LEU B 337 -3.10 -26.63 25.32
C LEU B 337 -3.57 -27.56 26.42
N GLU B 338 -4.89 -27.70 26.52
CA GLU B 338 -5.52 -28.50 27.56
CA GLU B 338 -5.58 -28.46 27.57
C GLU B 338 -6.55 -29.47 26.97
N LYS B 339 -6.68 -30.63 27.57
CA LYS B 339 -7.55 -31.68 27.06
C LYS B 339 -8.92 -31.23 27.52
N GLU B 340 -9.83 -31.01 26.57
CA GLU B 340 -11.21 -30.64 26.87
C GLU B 340 -12.10 -31.67 26.22
N GLY B 341 -12.48 -32.67 27.00
CA GLY B 341 -13.33 -33.78 26.53
C GLY B 341 -12.57 -34.73 25.64
N ASP B 342 -12.98 -34.78 24.38
CA ASP B 342 -12.38 -35.68 23.39
C ASP B 342 -11.26 -35.06 22.59
N TYR B 343 -11.05 -33.77 22.84
CA TYR B 343 -10.13 -32.99 22.05
C TYR B 343 -9.15 -32.26 22.91
N TRP B 344 -8.07 -31.88 22.24
CA TRP B 344 -7.10 -31.01 22.81
C TRP B 344 -7.39 -29.62 22.31
N ARG B 345 -7.59 -28.69 23.22
CA ARG B 345 -7.92 -27.32 22.89
C ARG B 345 -6.68 -26.46 22.88
N LEU B 346 -6.37 -25.91 21.70
CA LEU B 346 -5.19 -25.07 21.52
C LEU B 346 -5.63 -23.62 21.37
N GLU B 347 -4.98 -22.74 22.10
CA GLU B 347 -5.14 -21.31 22.06
C GLU B 347 -3.74 -20.77 21.79
N PHE B 348 -3.58 -19.91 20.81
CA PHE B 348 -2.30 -19.27 20.58
C PHE B 348 -2.47 -17.86 20.00
N ASP B 349 -1.48 -17.00 20.22
CA ASP B 349 -1.45 -15.63 19.70
C ASP B 349 -0.49 -15.50 18.50
N LYS B 350 -0.87 -14.72 17.50
CA LYS B 350 0.04 -14.28 16.42
C LYS B 350 0.44 -12.86 16.82
N VAL B 351 1.71 -12.66 17.17
CA VAL B 351 2.14 -11.34 17.63
C VAL B 351 2.82 -10.64 16.51
N PHE B 352 2.42 -9.41 16.28
CA PHE B 352 2.95 -8.60 15.22
C PHE B 352 4.03 -7.69 15.82
N LEU B 353 5.28 -8.14 15.68
CA LEU B 353 6.37 -7.49 16.39
C LEU B 353 6.74 -6.14 15.82
N ASN B 354 6.66 -6.01 14.51
CA ASN B 354 6.95 -4.75 13.85
C ASN B 354 5.87 -3.70 14.08
N MET B 355 4.59 -4.11 13.97
CA MET B 355 3.48 -3.16 14.28
C MET B 355 3.53 -2.80 15.75
N THR B 356 3.82 -3.77 16.60
CA THR B 356 4.02 -3.51 18.03
C THR B 356 5.09 -2.42 18.27
N GLY B 357 6.25 -2.55 17.63
CA GLY B 357 7.33 -1.55 17.73
C GLY B 357 7.01 -0.22 17.06
N LEU B 358 6.36 -0.25 15.92
CA LEU B 358 5.97 1.01 15.34
C LEU B 358 4.96 1.78 16.24
N LEU B 359 3.96 1.12 16.81
CA LEU B 359 2.92 1.88 17.53
C LEU B 359 3.47 2.41 18.84
N GLY B 360 4.34 1.63 19.48
CA GLY B 360 4.97 2.07 20.73
C GLY B 360 5.95 3.19 20.52
N HIS B 361 6.59 3.19 19.36
CA HIS B 361 7.47 4.26 19.02
C HIS B 361 6.66 5.54 18.71
N LEU B 362 5.61 5.43 17.89
CA LEU B 362 4.76 6.56 17.61
C LEU B 362 4.04 7.11 18.85
N LEU B 363 3.43 6.23 19.64
CA LEU B 363 2.64 6.62 20.85
C LEU B 363 3.45 7.32 21.91
N SER B 364 4.75 7.07 21.91
CA SER B 364 5.58 7.64 22.94
C SER B 364 6.18 8.97 22.46
N GLY B 365 5.87 9.35 21.23
CA GLY B 365 6.27 10.64 20.69
C GLY B 365 7.44 10.56 19.75
N GLY B 366 7.70 9.39 19.18
CA GLY B 366 8.86 9.18 18.33
C GLY B 366 8.73 9.87 16.98
N ILE B 367 9.84 9.93 16.28
CA ILE B 367 9.95 10.48 14.96
C ILE B 367 10.05 9.35 13.92
N VAL B 368 9.46 9.52 12.74
CA VAL B 368 9.56 8.57 11.65
C VAL B 368 9.88 9.38 10.37
N TYR B 369 10.63 8.81 9.43
CA TYR B 369 11.06 9.58 8.25
C TYR B 369 10.26 9.33 6.97
O5' ADN C . 10.85 17.63 4.32
C5' ADN C . 10.00 18.73 4.60
C4' ADN C . 9.84 19.58 3.34
O4' ADN C . 8.81 20.61 3.51
C3' ADN C . 11.13 20.32 3.03
O3' ADN C . 12.04 19.62 2.19
C2' ADN C . 10.66 21.62 2.39
O2' ADN C . 10.77 21.57 0.98
C1' ADN C . 9.20 21.80 2.79
N9 ADN C . 8.95 22.95 3.66
C8 ADN C . 7.87 23.76 3.55
N7 ADN C . 7.86 24.75 4.48
C5 ADN C . 8.97 24.53 5.24
C6 ADN C . 9.56 25.17 6.42
N6 ADN C . 8.90 26.26 6.92
N1 ADN C . 10.73 24.69 6.90
C2 ADN C . 11.33 23.60 6.36
N3 ADN C . 10.83 22.93 5.28
C4 ADN C . 9.69 23.36 4.69
CA CA D . -0.68 18.24 0.29
C1 GOL E . 3.57 31.45 3.85
O1 GOL E . 3.89 30.61 4.94
C2 GOL E . 2.92 32.72 4.37
O2 GOL E . 3.62 33.83 3.89
C3 GOL E . 1.40 32.79 4.13
O3 GOL E . 0.93 34.06 3.67
O5' ADN F . -8.36 -19.68 -5.83
C5' ADN F . -9.59 -19.25 -5.18
C4' ADN F . -9.77 -19.87 -3.78
O4' ADN F . -11.13 -19.76 -3.26
C3' ADN F . -9.48 -21.36 -3.75
O3' ADN F . -8.14 -21.62 -3.33
C2' ADN F . -10.43 -21.96 -2.74
O2' ADN F . -9.68 -22.32 -1.60
C1' ADN F . -11.44 -20.89 -2.42
N9 ADN F . -12.84 -21.32 -2.67
C8 ADN F . -13.88 -21.22 -1.78
N7 ADN F . -15.03 -21.69 -2.33
C5 ADN F . -14.74 -22.07 -3.60
C6 ADN F . -15.47 -22.70 -4.75
N6 ADN F . -16.79 -22.96 -4.67
N1 ADN F . -14.78 -22.99 -5.90
C2 ADN F . -13.45 -22.73 -6.00
N3 ADN F . -12.72 -22.17 -5.00
C4 ADN F . -13.29 -21.83 -3.81
CA CA G . -12.74 -12.24 4.04
C1 GOL H . -24.36 -23.31 2.71
O1 GOL H . -25.06 -23.18 1.49
C2 GOL H . -23.19 -24.30 2.64
O2 GOL H . -23.45 -25.50 1.89
C3 GOL H . -21.94 -23.66 2.04
O3 GOL H . -21.97 -23.36 0.65
#